data_3ERU
# 
_entry.id   3ERU 
# 
_audit_conform.dict_name       mmcif_pdbx.dic 
_audit_conform.dict_version    5.378 
_audit_conform.dict_location   http://mmcif.pdb.org/dictionaries/ascii/mmcif_pdbx.dic 
# 
loop_
_database_2.database_id 
_database_2.database_code 
_database_2.pdbx_database_accession 
_database_2.pdbx_DOI 
PDB   3ERU         pdb_00003eru 10.2210/pdb3eru/pdb 
NDB   DD0097       ?            ?                   
RCSB  RCSB049688   ?            ?                   
WWPDB D_1000049688 ?            ?                   
# 
loop_
_pdbx_database_related.db_name 
_pdbx_database_related.db_id 
_pdbx_database_related.details 
_pdbx_database_related.content_type 
PDB 1L1H 'Same quadruplex structure bound with a different ligand BSU-6039' unspecified 
PDB 1JPQ 'Same quadruplex structure in its native form (ligand-free)' unspecified 
PDB 1JRN 'Same quadruplex structure in its native form (ligand-free)' unspecified 
PDB 3CE5 
'A bimolecular parallel-stranded human telomeric quadruplex in complex with a 3,6,9-trisubstituted acridine molecular BRACO19' 
unspecified 
PDB 3EM2 
'A bimolecular anti-parallel-stranded Oxytricha nova telomeric quadruplex in complex with a 3,6-disubstituted acridine BSU-6038' 
unspecified 
PDB 3EQW 
;A bimolecular anti-parallel-stranded Oxytricha nova telomeric quadruplex in complex with a 3,6-disubstituted acridine BSU-6042 in small unit cell
;
unspecified 
PDB 3ES0 
'A bimolecular anti-parallel-stranded Oxytricha nova telomeric quadruplex in complex with a 3,6-disubstituted acridine BSU-6048' 
unspecified 
PDB 3ET8 
'A bimolecular anti-parallel-stranded Oxytricha nova telomeric quadruplex in complex with a 3,6-disubstituted acridine BSU-6054' 
unspecified 
# 
_pdbx_database_status.status_code                     REL 
_pdbx_database_status.entry_id                        3ERU 
_pdbx_database_status.recvd_initial_deposition_date   2008-10-03 
_pdbx_database_status.deposit_site                    RCSB 
_pdbx_database_status.process_site                    RCSB 
_pdbx_database_status.status_code_sf                  REL 
_pdbx_database_status.status_code_mr                  ? 
_pdbx_database_status.SG_entry                        ? 
_pdbx_database_status.pdb_format_compatible           Y 
_pdbx_database_status.status_code_cs                  ? 
_pdbx_database_status.status_code_nmr_data            ? 
_pdbx_database_status.methods_development_category    ? 
# 
loop_
_audit_author.name 
_audit_author.pdbx_ordinal 
'Campbell, N.H.' 1 
'Parkinson, G.'  2 
'Neidle, S.'     3 
# 
_citation.id                        primary 
_citation.title                     'Selectivity in Ligand Recognition of G-Quadruplex Loops.' 
_citation.journal_abbrev            Biochemistry 
_citation.journal_volume            48 
_citation.page_first                1675 
_citation.page_last                 1680 
_citation.year                      2009 
_citation.journal_id_ASTM           BICHAW 
_citation.country                   US 
_citation.journal_id_ISSN           0006-2960 
_citation.journal_id_CSD            0033 
_citation.book_publisher            ? 
_citation.pdbx_database_id_PubMed   19173611 
_citation.pdbx_database_id_DOI      10.1021/bi802233v 
# 
loop_
_citation_author.citation_id 
_citation_author.name 
_citation_author.ordinal 
_citation_author.identifier_ORCID 
primary 'Campbell, N.H.'  1 ? 
primary 'Patel, M.'       2 ? 
primary 'Tofa, A.B.'      3 ? 
primary 'Ghosh, R.'       4 ? 
primary 'Parkinson, G.N.' 5 ? 
primary 'Neidle, S.'      6 ? 
# 
_cell.entry_id           3ERU 
_cell.length_a           55.224 
_cell.length_b           42.631 
_cell.length_c           26.854 
_cell.angle_alpha        90.00 
_cell.angle_beta         90.00 
_cell.angle_gamma        90.00 
_cell.Z_PDB              8 
_cell.pdbx_unique_axis   ? 
_cell.length_a_esd       ? 
_cell.length_b_esd       ? 
_cell.length_c_esd       ? 
_cell.angle_alpha_esd    ? 
_cell.angle_beta_esd     ? 
_cell.angle_gamma_esd    ? 
# 
_symmetry.entry_id                         3ERU 
_symmetry.space_group_name_H-M             'P 21 21 2' 
_symmetry.pdbx_full_space_group_name_H-M   ? 
_symmetry.cell_setting                     ? 
_symmetry.Int_Tables_number                18 
_symmetry.space_group_name_Hall            ? 
# 
loop_
_entity.id 
_entity.type 
_entity.src_method 
_entity.pdbx_description 
_entity.formula_weight 
_entity.pdbx_number_of_molecules 
_entity.pdbx_ec 
_entity.pdbx_mutation 
_entity.pdbx_fragment 
_entity.details 
1 polymer     syn "5'-D(*DGP*DGP*DGP*DGP*DTP*DTP*DTP*DTP*DGP*DGP*DGP*DG)-3'"  3805.460 2  ? ? ? 
'Bimolecular anti-parallel-stranded DNA quadruplex' 
2 non-polymer syn 'POTASSIUM ION'                                             39.098   4  ? ? ? ? 
3 non-polymer syn '3,6-Bis{3-[(2R)-2-methylpiperidino)]propionamido}acridine' 515.690  1  ? ? ? ? 
4 water       nat water                                                       18.015   71 ? ? ? ? 
# 
_entity_poly.entity_id                      1 
_entity_poly.type                           polydeoxyribonucleotide 
_entity_poly.nstd_linkage                   no 
_entity_poly.nstd_monomer                   no 
_entity_poly.pdbx_seq_one_letter_code       '(DG)(DG)(DG)(DG)(DT)(DT)(DT)(DT)(DG)(DG)(DG)(DG)' 
_entity_poly.pdbx_seq_one_letter_code_can   GGGGTTTTGGGG 
_entity_poly.pdbx_strand_id                 A,B 
_entity_poly.pdbx_target_identifier         ? 
# 
loop_
_entity_poly_seq.entity_id 
_entity_poly_seq.num 
_entity_poly_seq.mon_id 
_entity_poly_seq.hetero 
1 1  DG n 
1 2  DG n 
1 3  DG n 
1 4  DG n 
1 5  DT n 
1 6  DT n 
1 7  DT n 
1 8  DT n 
1 9  DG n 
1 10 DG n 
1 11 DG n 
1 12 DG n 
# 
_pdbx_entity_src_syn.entity_id              1 
_pdbx_entity_src_syn.pdbx_src_id            1 
_pdbx_entity_src_syn.pdbx_alt_source_flag   sample 
_pdbx_entity_src_syn.pdbx_beg_seq_num       ? 
_pdbx_entity_src_syn.pdbx_end_seq_num       ? 
_pdbx_entity_src_syn.organism_scientific    ? 
_pdbx_entity_src_syn.organism_common_name   ? 
_pdbx_entity_src_syn.ncbi_taxonomy_id       ? 
_pdbx_entity_src_syn.details                'The sequence occurs naturally in Oxytricha nova' 
# 
_struct_ref.id                         1 
_struct_ref.db_name                    PDB 
_struct_ref.db_code                    3ERU 
_struct_ref.pdbx_db_accession          3ERU 
_struct_ref.entity_id                  1 
_struct_ref.pdbx_align_begin           1 
_struct_ref.pdbx_seq_one_letter_code   GGGGTTTTGGGG 
_struct_ref.pdbx_db_isoform            ? 
# 
loop_
_struct_ref_seq.align_id 
_struct_ref_seq.ref_id 
_struct_ref_seq.pdbx_PDB_id_code 
_struct_ref_seq.pdbx_strand_id 
_struct_ref_seq.seq_align_beg 
_struct_ref_seq.pdbx_seq_align_beg_ins_code 
_struct_ref_seq.seq_align_end 
_struct_ref_seq.pdbx_seq_align_end_ins_code 
_struct_ref_seq.pdbx_db_accession 
_struct_ref_seq.db_align_beg 
_struct_ref_seq.pdbx_db_align_beg_ins_code 
_struct_ref_seq.db_align_end 
_struct_ref_seq.pdbx_db_align_end_ins_code 
_struct_ref_seq.pdbx_auth_seq_align_beg 
_struct_ref_seq.pdbx_auth_seq_align_end 
1 1 3ERU A 1 ? 12 ? 3ERU 1  ? 12 ? 1  12 
2 1 3ERU B 1 ? 12 ? 3ERU 13 ? 24 ? 13 24 
# 
loop_
_chem_comp.id 
_chem_comp.type 
_chem_comp.mon_nstd_flag 
_chem_comp.name 
_chem_comp.pdbx_synonyms 
_chem_comp.formula 
_chem_comp.formula_weight 
DG  'DNA linking' y "2'-DEOXYGUANOSINE-5'-MONOPHOSPHATE"                        ? 'C10 H14 N5 O7 P' 347.221 
DT  'DNA linking' y "THYMIDINE-5'-MONOPHOSPHATE"                                ? 'C10 H15 N2 O8 P' 322.208 
HOH non-polymer   . WATER                                                       ? 'H2 O'            18.015  
K   non-polymer   . 'POTASSIUM ION'                                             ? 'K 1'             39.098  
NCJ non-polymer   . '3,6-Bis{3-[(2R)-2-methylpiperidino)]propionamido}acridine' 
"N,N'-acridine-3,6-diylbis{3-[(2R)-2-methylpiperidin-1-yl]propanamide}" 'C31 H41 N5 O2'   515.690 
# 
_exptl.entry_id          3ERU 
_exptl.method            'X-RAY DIFFRACTION' 
_exptl.crystals_number   1 
# 
_exptl_crystal.id                    1 
_exptl_crystal.density_meas          ? 
_exptl_crystal.density_Matthews      2.08 
_exptl_crystal.density_percent_sol   40.77 
_exptl_crystal.description           ? 
_exptl_crystal.F_000                 ? 
_exptl_crystal.preparation           ? 
# 
_exptl_crystal_grow.crystal_id      1 
_exptl_crystal_grow.method          'VAPOR DIFFUSION, HANGING DROP' 
_exptl_crystal_grow.temp            285.15 
_exptl_crystal_grow.temp_details    ? 
_exptl_crystal_grow.pH              7.0 
_exptl_crystal_grow.pdbx_details    
;2 microliter drops containing 5% v/v MPD, 0.50 mM DNA, 0.25 mM Ligand, 40 mM Potassium chloride, 5 mM Magnesium chloride, 4.1 mM Spermine equilibrated against 35% v/v MPD, pH 7.0, VAPOR DIFFUSION, HANGING DROP, temperature 285.15K
;
_exptl_crystal_grow.pdbx_pH_range   ? 
# 
loop_
_exptl_crystal_grow_comp.crystal_id 
_exptl_crystal_grow_comp.id 
_exptl_crystal_grow_comp.sol_id 
_exptl_crystal_grow_comp.name 
_exptl_crystal_grow_comp.volume 
_exptl_crystal_grow_comp.conc 
_exptl_crystal_grow_comp.details 
1 1 1 MPD                  ? ? ? 
1 2 1 'Potassium chloride' ? ? ? 
1 3 1 'Magnesium chloride' ? ? ? 
1 4 1 Spermine             ? ? ? 
1 5 2 MPD                  ? ? ? 
# 
_diffrn.id                     1 
_diffrn.ambient_temp           105 
_diffrn.ambient_temp_details   ? 
_diffrn.crystal_id             1 
# 
_diffrn_detector.diffrn_id              1 
_diffrn_detector.detector               'IMAGE PLATE' 
_diffrn_detector.type                   'RIGAKU RAXIS IV' 
_diffrn_detector.pdbx_collection_date   2006-11-01 
_diffrn_detector.details                mirrors 
# 
_diffrn_radiation.diffrn_id                        1 
_diffrn_radiation.wavelength_id                    1 
_diffrn_radiation.pdbx_monochromatic_or_laue_m_l   M 
_diffrn_radiation.monochromator                    'Osmic mirrors' 
_diffrn_radiation.pdbx_diffrn_protocol             'SINGLE WAVELENGTH' 
_diffrn_radiation.pdbx_scattering_type             x-ray 
# 
_diffrn_radiation_wavelength.id           1 
_diffrn_radiation_wavelength.wavelength   1.5418 
_diffrn_radiation_wavelength.wt           1.0 
# 
_diffrn_source.diffrn_id                   1 
_diffrn_source.source                      'ROTATING ANODE' 
_diffrn_source.type                        'RIGAKU RU200' 
_diffrn_source.pdbx_synchrotron_site       ? 
_diffrn_source.pdbx_synchrotron_beamline   ? 
_diffrn_source.pdbx_wavelength             ? 
_diffrn_source.pdbx_wavelength_list        1.5418 
# 
_reflns.entry_id                     3ERU 
_reflns.observed_criterion_sigma_I   3.00 
_reflns.observed_criterion_sigma_F   ? 
_reflns.d_resolution_low             23.18 
_reflns.d_resolution_high            2.00 
_reflns.number_obs                   4422 
_reflns.number_all                   4619 
_reflns.percent_possible_obs         95.7 
_reflns.pdbx_Rmerge_I_obs            0.059 
_reflns.pdbx_Rsym_value              ? 
_reflns.pdbx_netI_over_sigmaI        13.3 
_reflns.B_iso_Wilson_estimate        27.559 
_reflns.pdbx_redundancy              3.77 
_reflns.R_free_details               ? 
_reflns.pdbx_chi_squared             ? 
_reflns.pdbx_scaling_rejects         ? 
_reflns.pdbx_diffrn_id               1 
_reflns.pdbx_ordinal                 1 
# 
_reflns_shell.d_res_high             2.00 
_reflns_shell.d_res_low              2.07 
_reflns_shell.percent_possible_all   93.4 
_reflns_shell.Rmerge_I_obs           0.173 
_reflns_shell.pdbx_Rsym_value        ? 
_reflns_shell.meanI_over_sigI_obs    6.4 
_reflns_shell.pdbx_redundancy        3.72 
_reflns_shell.percent_possible_obs   ? 
_reflns_shell.number_unique_all      458 
_reflns_shell.number_measured_all    ? 
_reflns_shell.number_measured_obs    ? 
_reflns_shell.number_unique_obs      ? 
_reflns_shell.pdbx_chi_squared       ? 
_reflns_shell.pdbx_diffrn_id         ? 
_reflns_shell.pdbx_ordinal           1 
# 
_refine.entry_id                                 3ERU 
_refine.ls_number_reflns_obs                     4215 
_refine.ls_number_reflns_all                     4422 
_refine.pdbx_ls_sigma_I                          ? 
_refine.pdbx_ls_sigma_F                          ? 
_refine.pdbx_data_cutoff_high_absF               ? 
_refine.pdbx_data_cutoff_low_absF                ? 
_refine.pdbx_data_cutoff_high_rms_absF           ? 
_refine.ls_d_res_low                             22.72 
_refine.ls_d_res_high                            2.00 
_refine.ls_percent_reflns_obs                    95.71 
_refine.ls_R_factor_obs                          0.20127 
_refine.ls_R_factor_all                          ? 
_refine.ls_R_factor_R_work                       0.19897 
_refine.ls_R_factor_R_free                       0.24891 
_refine.ls_R_factor_R_free_error                 ? 
_refine.ls_R_factor_R_free_error_details         ? 
_refine.ls_percent_reflns_R_free                 4.6 
_refine.ls_number_reflns_R_free                  202 
_refine.ls_number_parameters                     ? 
_refine.ls_number_restraints                     ? 
_refine.occupancy_min                            ? 
_refine.occupancy_max                            ? 
_refine.correlation_coeff_Fo_to_Fc               0.949 
_refine.correlation_coeff_Fo_to_Fc_free          0.919 
_refine.B_iso_mean                               17.439 
_refine.aniso_B[1][1]                            0.25 
_refine.aniso_B[2][2]                            -1.55 
_refine.aniso_B[3][3]                            1.30 
_refine.aniso_B[1][2]                            0.00 
_refine.aniso_B[1][3]                            0.00 
_refine.aniso_B[2][3]                            0.00 
_refine.solvent_model_details                    MASK 
_refine.solvent_model_param_ksol                 ? 
_refine.solvent_model_param_bsol                 ? 
_refine.pdbx_solvent_vdw_probe_radii             1.20 
_refine.pdbx_solvent_ion_probe_radii             0.80 
_refine.pdbx_solvent_shrinkage_radii             0.80 
_refine.pdbx_ls_cross_valid_method               THROUGHOUT 
_refine.details                                  ? 
_refine.pdbx_starting_model                      'PDB entry 1L1H' 
_refine.pdbx_method_to_determine_struct          'MOLECULAR REPLACEMENT' 
_refine.pdbx_isotropic_thermal_model             isotropic 
_refine.pdbx_stereochemistry_target_values       'MAXIMUM LIKELIHOOD' 
_refine.pdbx_stereochem_target_val_spec_case     ? 
_refine.pdbx_R_Free_selection_details            RANDOM 
_refine.pdbx_overall_ESU_R                       0.245 
_refine.pdbx_overall_ESU_R_Free                  0.197 
_refine.overall_SU_ML                            0.124 
_refine.overall_SU_B                             ? 
_refine.ls_redundancy_reflns_obs                 ? 
_refine.overall_SU_R_Cruickshank_DPI             ? 
_refine.overall_SU_R_free                        ? 
_refine.ls_wR_factor_R_free                      ? 
_refine.ls_wR_factor_R_work                      ? 
_refine.overall_FOM_free_R_set                   ? 
_refine.overall_FOM_work_R_set                   ? 
_refine.pdbx_overall_phase_error                 ? 
_refine.pdbx_refine_id                           'X-RAY DIFFRACTION' 
_refine.pdbx_diffrn_id                           1 
_refine.pdbx_TLS_residual_ADP_flag               ? 
_refine.pdbx_overall_SU_R_free_Cruickshank_DPI   ? 
_refine.pdbx_overall_SU_R_Blow_DPI               ? 
_refine.pdbx_overall_SU_R_free_Blow_DPI          ? 
# 
_refine_hist.pdbx_refine_id                   'X-RAY DIFFRACTION' 
_refine_hist.cycle_id                         LAST 
_refine_hist.pdbx_number_atoms_protein        0 
_refine_hist.pdbx_number_atoms_nucleic_acid   506 
_refine_hist.pdbx_number_atoms_ligand         42 
_refine_hist.number_atoms_solvent             71 
_refine_hist.number_atoms_total               619 
_refine_hist.d_res_high                       2.00 
_refine_hist.d_res_low                        22.72 
# 
loop_
_refine_ls_restr.type 
_refine_ls_restr.dev_ideal 
_refine_ls_restr.dev_ideal_target 
_refine_ls_restr.weight 
_refine_ls_restr.number 
_refine_ls_restr.pdbx_refine_id 
_refine_ls_restr.pdbx_restraint_function 
r_bond_refined_d         0.010 0.021 ? 610 'X-RAY DIFFRACTION' ? 
r_angle_refined_deg      2.126 3.000 ? 938 'X-RAY DIFFRACTION' ? 
r_gen_planes_refined     0.011 0.020 ? 306 'X-RAY DIFFRACTION' ? 
r_nbd_refined            0.345 0.200 ? 213 'X-RAY DIFFRACTION' ? 
r_nbtor_refined          0.300 0.200 ? 342 'X-RAY DIFFRACTION' ? 
r_xyhbond_nbd_refined    0.159 0.200 ? 52  'X-RAY DIFFRACTION' ? 
r_metal_ion_refined      0.105 0.200 ? 9   'X-RAY DIFFRACTION' ? 
r_symmetry_vdw_refined   0.175 0.200 ? 17  'X-RAY DIFFRACTION' ? 
r_symmetry_hbond_refined 0.275 0.200 ? 7   'X-RAY DIFFRACTION' ? 
# 
_refine_ls_shell.pdbx_total_number_of_bins_used   20 
_refine_ls_shell.d_res_high                       2.00 
_refine_ls_shell.d_res_low                        2.05 
_refine_ls_shell.number_reflns_R_work             307 
_refine_ls_shell.R_factor_R_work                  0.280 
_refine_ls_shell.percent_reflns_obs               93.91 
_refine_ls_shell.R_factor_R_free                  0.343 
_refine_ls_shell.R_factor_R_free_error            ? 
_refine_ls_shell.percent_reflns_R_free            ? 
_refine_ls_shell.number_reflns_R_free             17 
_refine_ls_shell.number_reflns_all                ? 
_refine_ls_shell.R_factor_all                     ? 
_refine_ls_shell.number_reflns_obs                ? 
_refine_ls_shell.redundancy_reflns_obs            ? 
_refine_ls_shell.pdbx_refine_id                   'X-RAY DIFFRACTION' 
# 
_struct.entry_id                  3ERU 
_struct.title                     
'A bimolecular anti-parallel-stranded Oxytricha nova telomeric quadruplex in complex with a 3,6-disubstituted acridine BSU-6045' 
_struct.pdbx_model_details        ? 
_struct.pdbx_CASP_flag            ? 
_struct.pdbx_model_type_details   ? 
# 
_struct_keywords.entry_id        3ERU 
_struct_keywords.pdbx_keywords   DNA 
_struct_keywords.text            
'quadruplex, Oxytricha nova, BSU-6045, BSU6045, anti-parallel, bimolecular, macromolecule, G-quadruplex, telomere, DNA' 
# 
loop_
_struct_asym.id 
_struct_asym.pdbx_blank_PDB_chainid_flag 
_struct_asym.pdbx_modified 
_struct_asym.entity_id 
_struct_asym.details 
A N N 1 ? 
B N N 1 ? 
C N N 2 ? 
D N N 2 ? 
E N N 2 ? 
F N N 3 ? 
G N N 2 ? 
H N N 4 ? 
I N N 4 ? 
# 
_struct_biol.id        1 
_struct_biol.details   ? 
# 
loop_
_struct_conn.id 
_struct_conn.conn_type_id 
_struct_conn.pdbx_leaving_atom_flag 
_struct_conn.pdbx_PDB_id 
_struct_conn.ptnr1_label_asym_id 
_struct_conn.ptnr1_label_comp_id 
_struct_conn.ptnr1_label_seq_id 
_struct_conn.ptnr1_label_atom_id 
_struct_conn.pdbx_ptnr1_label_alt_id 
_struct_conn.pdbx_ptnr1_PDB_ins_code 
_struct_conn.pdbx_ptnr1_standard_comp_id 
_struct_conn.ptnr1_symmetry 
_struct_conn.ptnr2_label_asym_id 
_struct_conn.ptnr2_label_comp_id 
_struct_conn.ptnr2_label_seq_id 
_struct_conn.ptnr2_label_atom_id 
_struct_conn.pdbx_ptnr2_label_alt_id 
_struct_conn.pdbx_ptnr2_PDB_ins_code 
_struct_conn.ptnr1_auth_asym_id 
_struct_conn.ptnr1_auth_comp_id 
_struct_conn.ptnr1_auth_seq_id 
_struct_conn.ptnr2_auth_asym_id 
_struct_conn.ptnr2_auth_comp_id 
_struct_conn.ptnr2_auth_seq_id 
_struct_conn.ptnr2_symmetry 
_struct_conn.pdbx_ptnr3_label_atom_id 
_struct_conn.pdbx_ptnr3_label_seq_id 
_struct_conn.pdbx_ptnr3_label_comp_id 
_struct_conn.pdbx_ptnr3_label_asym_id 
_struct_conn.pdbx_ptnr3_label_alt_id 
_struct_conn.pdbx_ptnr3_PDB_ins_code 
_struct_conn.details 
_struct_conn.pdbx_dist_value 
_struct_conn.pdbx_value_order 
_struct_conn.pdbx_role 
metalc1  metalc ? ? A DG 1  O6 ? ? ? 1_555 C K   .  K  ? ? A DG 1  A K   26 1_555 ? ? ? ? ? ? ?               2.663 ? ? 
metalc2  metalc ? ? A DG 1  O6 ? ? ? 1_555 G K   .  K  ? ? A DG 1  B K   25 1_555 ? ? ? ? ? ? ?               2.957 ? ? 
metalc3  metalc ? ? A DG 2  O6 ? ? ? 1_555 C K   .  K  ? ? A DG 2  A K   26 1_555 ? ? ? ? ? ? ?               2.793 ? ? 
metalc4  metalc ? ? A DG 2  O6 ? ? ? 1_555 D K   .  K  ? ? A DG 2  A K   27 1_555 ? ? ? ? ? ? ?               2.813 ? ? 
metalc5  metalc ? ? A DG 3  O6 ? ? ? 1_555 D K   .  K  ? ? A DG 3  A K   27 1_555 ? ? ? ? ? ? ?               2.873 ? ? 
metalc6  metalc ? ? A DG 4  O6 ? ? ? 1_555 E K   .  K  ? ? A DG 4  A K   28 1_555 ? ? ? ? ? ? ?               2.746 ? ? 
metalc7  metalc ? ? A DG 9  O6 ? ? ? 1_555 E K   .  K  ? ? A DG 9  A K   28 1_555 ? ? ? ? ? ? ?               2.752 ? ? 
metalc8  metalc ? ? A DG 10 O6 ? ? ? 1_555 D K   .  K  ? ? A DG 10 A K   27 1_555 ? ? ? ? ? ? ?               2.921 ? ? 
metalc9  metalc ? ? A DG 11 O6 ? ? ? 1_555 C K   .  K  ? ? A DG 11 A K   26 1_555 ? ? ? ? ? ? ?               2.898 ? ? 
metalc10 metalc ? ? A DG 11 O6 ? ? ? 1_555 D K   .  K  ? ? A DG 11 A K   27 1_555 ? ? ? ? ? ? ?               2.855 ? ? 
metalc11 metalc ? ? A DG 12 O6 ? ? ? 1_555 C K   .  K  ? ? A DG 12 A K   26 1_555 ? ? ? ? ? ? ?               2.857 ? ? 
metalc12 metalc ? ? A DG 12 O6 ? ? ? 1_555 G K   .  K  ? ? A DG 12 B K   25 1_555 ? ? ? ? ? ? ?               2.940 ? ? 
metalc13 metalc ? ? C K  .  K  ? ? ? 1_555 B DG  3  O6 ? ? A K  26 B DG  15 1_555 ? ? ? ? ? ? ?               2.904 ? ? 
metalc14 metalc ? ? C K  .  K  ? ? ? 1_555 B DG  4  O6 ? ? A K  26 B DG  16 1_555 ? ? ? ? ? ? ?               2.849 ? ? 
metalc15 metalc ? ? C K  .  K  ? ? ? 1_555 B DG  9  O6 ? ? A K  26 B DG  21 1_555 ? ? ? ? ? ? ?               2.795 ? ? 
metalc16 metalc ? ? C K  .  K  ? ? ? 1_555 B DG  10 O6 ? ? A K  26 B DG  22 1_555 ? ? ? ? ? ? ?               2.850 ? ? 
metalc17 metalc ? ? D K  .  K  ? ? ? 1_555 B DG  2  O6 ? ? A K  27 B DG  14 1_555 ? ? ? ? ? ? ?               2.713 ? ? 
metalc18 metalc ? ? D K  .  K  ? ? ? 1_555 B DG  3  O6 ? ? A K  27 B DG  15 1_555 ? ? ? ? ? ? ?               2.748 ? ? 
metalc19 metalc ? ? D K  .  K  ? ? ? 1_555 B DG  10 O6 ? ? A K  27 B DG  22 1_555 ? ? ? ? ? ? ?               2.897 ? ? 
metalc20 metalc ? ? D K  .  K  ? ? ? 1_555 B DG  11 O6 ? ? A K  27 B DG  23 1_555 ? ? ? ? ? ? ?               2.875 ? ? 
metalc21 metalc ? ? E K  .  K  ? ? ? 1_555 B DG  1  O6 ? ? A K  28 B DG  13 1_555 ? ? ? ? ? ? ?               2.725 ? ? 
metalc22 metalc ? ? E K  .  K  ? ? ? 1_555 B DG  2  O6 ? ? A K  28 B DG  14 1_555 ? ? ? ? ? ? ?               2.888 ? ? 
metalc23 metalc ? ? E K  .  K  ? ? ? 1_555 B DG  12 O6 ? ? A K  28 B DG  24 1_555 ? ? ? ? ? ? ?               2.715 ? ? 
metalc24 metalc ? ? B DG 4  O6 ? ? ? 1_555 G K   .  K  ? ? B DG 16 B K   25 1_555 ? ? ? ? ? ? ?               2.946 ? ? 
metalc25 metalc ? ? B DT 5  O2 ? ? ? 1_555 G K   .  K  ? ? B DT 17 B K   25 1_555 ? ? ? ? ? ? ?               2.790 ? ? 
metalc26 metalc ? ? B DT 7  O2 ? ? ? 1_555 G K   .  K  ? ? B DT 19 B K   25 1_555 ? ? ? ? ? ? ?               2.545 ? ? 
metalc27 metalc ? ? B DG 9  O6 ? ? ? 1_555 G K   .  K  ? ? B DG 21 B K   25 1_555 ? ? ? ? ? ? ?               2.920 ? ? 
metalc28 metalc ? ? G K  .  K  ? ? ? 1_555 I HOH .  O  ? ? B K  25 B HOH 40 1_555 ? ? ? ? ? ? ?               2.749 ? ? 
hydrog1  hydrog ? ? A DG 1  N7 ? ? ? 1_555 B DG  4  N2 ? ? A DG 1  B DG  16 1_555 ? ? ? ? ? ? TYPE_6_PAIR     ?     ? ? 
hydrog2  hydrog ? ? A DG 1  O6 ? ? ? 1_555 B DG  4  N1 ? ? A DG 1  B DG  16 1_555 ? ? ? ? ? ? TYPE_6_PAIR     ?     ? ? 
hydrog3  hydrog ? ? A DG 1  N1 ? ? ? 1_555 B DG  9  O6 ? ? A DG 1  B DG  21 1_555 ? ? ? ? ? ? TYPE_6_PAIR     ?     ? ? 
hydrog4  hydrog ? ? A DG 1  N2 ? ? ? 1_555 B DG  9  N7 ? ? A DG 1  B DG  21 1_555 ? ? ? ? ? ? TYPE_6_PAIR     ?     ? ? 
hydrog5  hydrog ? ? A DG 2  N1 ? ? ? 1_555 B DG  3  O6 ? ? A DG 2  B DG  15 1_555 ? ? ? ? ? ? TYPE_6_PAIR     ?     ? ? 
hydrog6  hydrog ? ? A DG 2  N2 ? ? ? 1_555 B DG  3  N7 ? ? A DG 2  B DG  15 1_555 ? ? ? ? ? ? TYPE_6_PAIR     ?     ? ? 
hydrog7  hydrog ? ? A DG 2  N7 ? ? ? 1_555 B DG  10 N2 ? ? A DG 2  B DG  22 1_555 ? ? ? ? ? ? TYPE_6_PAIR     ?     ? ? 
hydrog8  hydrog ? ? A DG 2  O6 ? ? ? 1_555 B DG  10 N1 ? ? A DG 2  B DG  22 1_555 ? ? ? ? ? ? TYPE_6_PAIR     ?     ? ? 
hydrog9  hydrog ? ? A DG 3  N7 ? ? ? 1_555 B DG  2  N2 ? ? A DG 3  B DG  14 1_555 ? ? ? ? ? ? TYPE_6_PAIR     ?     ? ? 
hydrog10 hydrog ? ? A DG 3  O6 ? ? ? 1_555 B DG  2  N1 ? ? A DG 3  B DG  14 1_555 ? ? ? ? ? ? TYPE_6_PAIR     ?     ? ? 
hydrog11 hydrog ? ? A DG 3  N1 ? ? ? 1_555 B DG  11 O6 ? ? A DG 3  B DG  23 1_555 ? ? ? ? ? ? TYPE_6_PAIR     ?     ? ? 
hydrog12 hydrog ? ? A DG 3  N2 ? ? ? 1_555 B DG  11 N7 ? ? A DG 3  B DG  23 1_555 ? ? ? ? ? ? TYPE_6_PAIR     ?     ? ? 
hydrog13 hydrog ? ? A DG 4  N1 ? ? ? 1_555 B DG  1  O6 ? ? A DG 4  B DG  13 1_555 ? ? ? ? ? ? TYPE_6_PAIR     ?     ? ? 
hydrog14 hydrog ? ? A DG 4  N2 ? ? ? 1_555 B DG  1  N7 ? ? A DG 4  B DG  13 1_555 ? ? ? ? ? ? TYPE_6_PAIR     ?     ? ? 
hydrog15 hydrog ? ? A DG 4  N7 ? ? ? 1_555 B DG  12 N2 ? ? A DG 4  B DG  24 1_555 ? ? ? ? ? ? TYPE_6_PAIR     ?     ? ? 
hydrog16 hydrog ? ? A DG 4  O6 ? ? ? 1_555 B DG  12 N1 ? ? A DG 4  B DG  24 1_555 ? ? ? ? ? ? TYPE_6_PAIR     ?     ? ? 
hydrog17 hydrog ? ? A DG 9  N7 ? ? ? 1_555 B DG  1  N2 ? ? A DG 9  B DG  13 1_555 ? ? ? ? ? ? TYPE_6_PAIR     ?     ? ? 
hydrog18 hydrog ? ? A DG 9  O6 ? ? ? 1_555 B DG  1  N1 ? ? A DG 9  B DG  13 1_555 ? ? ? ? ? ? TYPE_6_PAIR     ?     ? ? 
hydrog19 hydrog ? ? A DG 9  N1 ? ? ? 1_555 B DG  12 O6 ? ? A DG 9  B DG  24 1_555 ? ? ? ? ? ? TYPE_6_PAIR     ?     ? ? 
hydrog20 hydrog ? ? A DG 9  N2 ? ? ? 1_555 B DG  12 N7 ? ? A DG 9  B DG  24 1_555 ? ? ? ? ? ? TYPE_6_PAIR     ?     ? ? 
hydrog21 hydrog ? ? A DG 10 N1 ? ? ? 1_555 B DG  2  O6 ? ? A DG 10 B DG  14 1_555 ? ? ? ? ? ? TYPE_6_PAIR     ?     ? ? 
hydrog22 hydrog ? ? A DG 10 N2 ? ? ? 1_555 B DG  2  N7 ? ? A DG 10 B DG  14 1_555 ? ? ? ? ? ? TYPE_6_PAIR     ?     ? ? 
hydrog23 hydrog ? ? A DG 10 N7 ? ? ? 1_555 B DG  11 N2 ? ? A DG 10 B DG  23 1_555 ? ? ? ? ? ? TYPE_6_PAIR     ?     ? ? 
hydrog24 hydrog ? ? A DG 10 O6 ? ? ? 1_555 B DG  11 N1 ? ? A DG 10 B DG  23 1_555 ? ? ? ? ? ? TYPE_6_PAIR     ?     ? ? 
hydrog25 hydrog ? ? A DG 11 N7 ? ? ? 1_555 B DG  3  N2 ? ? A DG 11 B DG  15 1_555 ? ? ? ? ? ? TYPE_6_PAIR     ?     ? ? 
hydrog26 hydrog ? ? A DG 11 O6 ? ? ? 1_555 B DG  3  N1 ? ? A DG 11 B DG  15 1_555 ? ? ? ? ? ? TYPE_6_PAIR     ?     ? ? 
hydrog27 hydrog ? ? A DG 11 N1 ? ? ? 1_555 B DG  10 O6 ? ? A DG 11 B DG  22 1_555 ? ? ? ? ? ? TYPE_6_PAIR     ?     ? ? 
hydrog28 hydrog ? ? A DG 11 N2 ? ? ? 1_555 B DG  10 N7 ? ? A DG 11 B DG  22 1_555 ? ? ? ? ? ? TYPE_6_PAIR     ?     ? ? 
hydrog29 hydrog ? ? A DG 12 N1 ? ? ? 1_555 B DG  4  O6 ? ? A DG 12 B DG  16 1_555 ? ? ? ? ? ? TYPE_6_PAIR     ?     ? ? 
hydrog30 hydrog ? ? A DG 12 N2 ? ? ? 1_555 B DG  4  N7 ? ? A DG 12 B DG  16 1_555 ? ? ? ? ? ? TYPE_6_PAIR     ?     ? ? 
hydrog31 hydrog ? ? A DG 12 N7 ? ? ? 1_555 B DG  9  N2 ? ? A DG 12 B DG  21 1_555 ? ? ? ? ? ? TYPE_6_PAIR     ?     ? ? 
hydrog32 hydrog ? ? A DG 12 O6 ? ? ? 1_555 B DG  9  N1 ? ? A DG 12 B DG  21 1_555 ? ? ? ? ? ? TYPE_6_PAIR     ?     ? ? 
hydrog33 hydrog ? ? B DT 5  O2 ? ? ? 1_555 B DT  7  N3 ? ? B DT 17 B DT  19 1_555 ? ? ? ? ? ? 'DT-DT MISPAIR' ?     ? ? 
# 
loop_
_struct_conn_type.id 
_struct_conn_type.criteria 
_struct_conn_type.reference 
metalc ? ? 
hydrog ? ? 
# 
loop_
_struct_site.id 
_struct_site.pdbx_evidence_code 
_struct_site.pdbx_auth_asym_id 
_struct_site.pdbx_auth_comp_id 
_struct_site.pdbx_auth_seq_id 
_struct_site.pdbx_auth_ins_code 
_struct_site.pdbx_num_residues 
_struct_site.details 
AC1 Software A K   26 ? 10 'BINDING SITE FOR RESIDUE K A 26'   
AC2 Software A K   27 ? 10 'BINDING SITE FOR RESIDUE K A 27'   
AC3 Software A K   28 ? 9  'BINDING SITE FOR RESIDUE K A 28'   
AC4 Software A NCJ 29 ? 9  'BINDING SITE FOR RESIDUE NCJ A 29' 
AC5 Software B K   25 ? 8  'BINDING SITE FOR RESIDUE K B 25'   
# 
loop_
_struct_site_gen.id 
_struct_site_gen.site_id 
_struct_site_gen.pdbx_num_res 
_struct_site_gen.label_comp_id 
_struct_site_gen.label_asym_id 
_struct_site_gen.label_seq_id 
_struct_site_gen.pdbx_auth_ins_code 
_struct_site_gen.auth_comp_id 
_struct_site_gen.auth_asym_id 
_struct_site_gen.auth_seq_id 
_struct_site_gen.label_atom_id 
_struct_site_gen.label_alt_id 
_struct_site_gen.symmetry 
_struct_site_gen.details 
1  AC1 10 DG  A 1  ? DG  A 1  . ? 1_555 ? 
2  AC1 10 DG  A 2  ? DG  A 2  . ? 1_555 ? 
3  AC1 10 DG  A 11 ? DG  A 11 . ? 1_555 ? 
4  AC1 10 DG  A 12 ? DG  A 12 . ? 1_555 ? 
5  AC1 10 K   D .  ? K   A 27 . ? 1_555 ? 
6  AC1 10 DG  B 3  ? DG  B 15 . ? 1_555 ? 
7  AC1 10 DG  B 4  ? DG  B 16 . ? 1_555 ? 
8  AC1 10 DG  B 9  ? DG  B 21 . ? 1_555 ? 
9  AC1 10 DG  B 10 ? DG  B 22 . ? 1_555 ? 
10 AC1 10 K   G .  ? K   B 25 . ? 1_555 ? 
11 AC2 10 DG  A 2  ? DG  A 2  . ? 1_555 ? 
12 AC2 10 DG  A 3  ? DG  A 3  . ? 1_555 ? 
13 AC2 10 DG  A 10 ? DG  A 10 . ? 1_555 ? 
14 AC2 10 DG  A 11 ? DG  A 11 . ? 1_555 ? 
15 AC2 10 K   C .  ? K   A 26 . ? 1_555 ? 
16 AC2 10 K   E .  ? K   A 28 . ? 1_555 ? 
17 AC2 10 DG  B 2  ? DG  B 14 . ? 1_555 ? 
18 AC2 10 DG  B 3  ? DG  B 15 . ? 1_555 ? 
19 AC2 10 DG  B 10 ? DG  B 22 . ? 1_555 ? 
20 AC2 10 DG  B 11 ? DG  B 23 . ? 1_555 ? 
21 AC3 9  DG  A 3  ? DG  A 3  . ? 1_555 ? 
22 AC3 9  DG  A 4  ? DG  A 4  . ? 1_555 ? 
23 AC3 9  DG  A 9  ? DG  A 9  . ? 1_555 ? 
24 AC3 9  DG  A 10 ? DG  A 10 . ? 1_555 ? 
25 AC3 9  K   D .  ? K   A 27 . ? 1_555 ? 
26 AC3 9  DG  B 1  ? DG  B 13 . ? 1_555 ? 
27 AC3 9  DG  B 2  ? DG  B 14 . ? 1_555 ? 
28 AC3 9  DG  B 11 ? DG  B 23 . ? 1_555 ? 
29 AC3 9  DG  B 12 ? DG  B 24 . ? 1_555 ? 
30 AC4 9  DT  A 6  ? DT  A 6  . ? 1_555 ? 
31 AC4 9  DT  A 7  ? DT  A 7  . ? 1_555 ? 
32 AC4 9  DG  A 9  ? DG  A 9  . ? 1_555 ? 
33 AC4 9  HOH H .  ? HOH A 34 . ? 1_555 ? 
34 AC4 9  HOH H .  ? HOH A 38 . ? 1_555 ? 
35 AC4 9  DG  B 1  ? DG  B 13 . ? 1_555 ? 
36 AC4 9  DT  B 8  ? DT  B 20 . ? 3_554 ? 
37 AC4 9  DG  B 9  ? DG  B 21 . ? 3_554 ? 
38 AC4 9  DG  B 12 ? DG  B 24 . ? 1_555 ? 
39 AC5 8  DG  A 1  ? DG  A 1  . ? 1_555 ? 
40 AC5 8  DG  A 12 ? DG  A 12 . ? 1_555 ? 
41 AC5 8  K   C .  ? K   A 26 . ? 1_555 ? 
42 AC5 8  DG  B 4  ? DG  B 16 . ? 1_555 ? 
43 AC5 8  DT  B 5  ? DT  B 17 . ? 1_555 ? 
44 AC5 8  DT  B 7  ? DT  B 19 . ? 1_555 ? 
45 AC5 8  DG  B 9  ? DG  B 21 . ? 1_555 ? 
46 AC5 8  HOH I .  ? HOH B 40 . ? 1_555 ? 
# 
_atom_sites.entry_id                    3ERU 
_atom_sites.fract_transf_matrix[1][1]   -0.00407679 
_atom_sites.fract_transf_matrix[1][2]   0.00895288 
_atom_sites.fract_transf_matrix[1][3]   -0.01520281 
_atom_sites.fract_transf_matrix[2][1]   -0.01774171 
_atom_sites.fract_transf_matrix[2][2]   -0.01482206 
_atom_sites.fract_transf_matrix[2][3]   -0.00397104 
_atom_sites.fract_transf_matrix[3][1]   -0.02287175 
_atom_sites.fract_transf_matrix[3][2]   0.02222700 
_atom_sites.fract_transf_matrix[3][3]   0.01922270 
_atom_sites.fract_transf_vector[1]      0.127130 
_atom_sites.fract_transf_vector[2]      -0.237386 
_atom_sites.fract_transf_vector[3]      -0.436226 
# 
loop_
_atom_type.symbol 
C 
K 
N 
O 
P 
# 
loop_
_atom_site.group_PDB 
_atom_site.id 
_atom_site.type_symbol 
_atom_site.label_atom_id 
_atom_site.label_alt_id 
_atom_site.label_comp_id 
_atom_site.label_asym_id 
_atom_site.label_entity_id 
_atom_site.label_seq_id 
_atom_site.pdbx_PDB_ins_code 
_atom_site.Cartn_x 
_atom_site.Cartn_y 
_atom_site.Cartn_z 
_atom_site.occupancy 
_atom_site.B_iso_or_equiv 
_atom_site.pdbx_formal_charge 
_atom_site.auth_seq_id 
_atom_site.auth_comp_id 
_atom_site.auth_asym_id 
_atom_site.auth_atom_id 
_atom_site.pdbx_PDB_model_num 
ATOM   1   O "O5'" . DG  A 1 1  ? 7.245   3.708   -6.745  1.00 22.43 ? 1  DG  A "O5'" 1 
ATOM   2   C "C5'" . DG  A 1 1  ? 8.353   3.115   -7.427  1.00 17.82 ? 1  DG  A "C5'" 1 
ATOM   3   C "C4'" . DG  A 1 1  ? 7.991   1.724   -7.920  1.00 17.01 ? 1  DG  A "C4'" 1 
ATOM   4   O "O4'" . DG  A 1 1  ? 7.975   0.798   -6.812  1.00 17.51 ? 1  DG  A "O4'" 1 
ATOM   5   C "C3'" . DG  A 1 1  ? 6.625   1.592   -8.571  1.00 16.86 ? 1  DG  A "C3'" 1 
ATOM   6   O "O3'" . DG  A 1 1  ? 6.727   0.683   -9.684  1.00 17.13 ? 1  DG  A "O3'" 1 
ATOM   7   C "C2'" . DG  A 1 1  ? 5.746   1.030   -7.452  1.00 15.73 ? 1  DG  A "C2'" 1 
ATOM   8   C "C1'" . DG  A 1 1  ? 6.745   0.090   -6.779  1.00 15.46 ? 1  DG  A "C1'" 1 
ATOM   9   N N9    . DG  A 1 1  ? 6.464   -0.256  -5.389  1.00 12.24 ? 1  DG  A N9    1 
ATOM   10  C C8    . DG  A 1 1  ? 6.416   -1.531  -4.876  1.00 11.62 ? 1  DG  A C8    1 
ATOM   11  N N7    . DG  A 1 1  ? 6.171   -1.551  -3.599  1.00 12.12 ? 1  DG  A N7    1 
ATOM   12  C C5    . DG  A 1 1  ? 6.036   -0.209  -3.245  1.00 12.37 ? 1  DG  A C5    1 
ATOM   13  C C6    . DG  A 1 1  ? 5.746   0.421   -2.003  1.00 12.35 ? 1  DG  A C6    1 
ATOM   14  O O6    . DG  A 1 1  ? 5.539   -0.113  -0.905  1.00 14.63 ? 1  DG  A O6    1 
ATOM   15  N N1    . DG  A 1 1  ? 5.681   1.812   -2.048  1.00 12.27 ? 1  DG  A N1    1 
ATOM   16  C C2    . DG  A 1 1  ? 5.879   2.521   -3.191  1.00 12.40 ? 1  DG  A C2    1 
ATOM   17  N N2    . DG  A 1 1  ? 5.817   3.844   -3.090  1.00 10.26 ? 1  DG  A N2    1 
ATOM   18  N N3    . DG  A 1 1  ? 6.155   1.949   -4.360  1.00 15.36 ? 1  DG  A N3    1 
ATOM   19  C C4    . DG  A 1 1  ? 6.221   0.594   -4.336  1.00 12.33 ? 1  DG  A C4    1 
ATOM   20  P P     . DG  A 1 2  ? 5.462   0.407   -10.633 1.00 16.07 ? 2  DG  A P     1 
ATOM   21  O OP1   . DG  A 1 2  ? 6.085   0.006   -11.911 1.00 15.26 ? 2  DG  A OP1   1 
ATOM   22  O OP2   . DG  A 1 2  ? 4.538   1.550   -10.567 1.00 13.96 ? 2  DG  A OP2   1 
ATOM   23  O "O5'" . DG  A 1 2  ? 4.721   -0.825  -9.986  1.00 15.75 ? 2  DG  A "O5'" 1 
ATOM   24  C "C5'" . DG  A 1 2  ? 5.426   -2.026  -9.730  1.00 16.66 ? 2  DG  A "C5'" 1 
ATOM   25  C "C4'" . DG  A 1 2  ? 4.537   -2.941  -8.909  1.00 15.81 ? 2  DG  A "C4'" 1 
ATOM   26  O "O4'" . DG  A 1 2  ? 4.578   -2.514  -7.518  1.00 14.80 ? 2  DG  A "O4'" 1 
ATOM   27  C "C3'" . DG  A 1 2  ? 3.052   -3.064  -9.278  1.00 14.79 ? 2  DG  A "C3'" 1 
ATOM   28  O "O3'" . DG  A 1 2  ? 2.720   -4.391  -9.096  1.00 18.37 ? 2  DG  A "O3'" 1 
ATOM   29  C "C2'" . DG  A 1 2  ? 2.346   -2.325  -8.160  1.00 13.78 ? 2  DG  A "C2'" 1 
ATOM   30  C "C1'" . DG  A 1 2  ? 3.270   -2.649  -7.000  1.00 12.95 ? 2  DG  A "C1'" 1 
ATOM   31  N N9    . DG  A 1 2  ? 3.090   -1.789  -5.840  1.00 12.42 ? 2  DG  A N9    1 
ATOM   32  C C8    . DG  A 1 2  ? 3.015   -0.416  -5.835  1.00 11.97 ? 2  DG  A C8    1 
ATOM   33  N N7    . DG  A 1 2  ? 2.842   0.094   -4.655  1.00 14.38 ? 2  DG  A N7    1 
ATOM   34  C C5    . DG  A 1 2  ? 2.812   -1.034  -3.830  1.00 14.25 ? 2  DG  A C5    1 
ATOM   35  C C6    . DG  A 1 2  ? 2.666   -1.134  -2.441  1.00 12.91 ? 2  DG  A C6    1 
ATOM   36  O O6    . DG  A 1 2  ? 2.515   -0.221  -1.640  1.00 15.00 ? 2  DG  A O6    1 
ATOM   37  N N1    . DG  A 1 2  ? 2.698   -2.437  -1.972  1.00 14.71 ? 2  DG  A N1    1 
ATOM   38  C C2    . DG  A 1 2  ? 2.843   -3.567  -2.747  1.00 14.06 ? 2  DG  A C2    1 
ATOM   39  N N2    . DG  A 1 2  ? 2.838   -4.766  -2.102  1.00 13.31 ? 2  DG  A N2    1 
ATOM   40  N N3    . DG  A 1 2  ? 2.995   -3.492  -4.059  1.00 13.40 ? 2  DG  A N3    1 
ATOM   41  C C4    . DG  A 1 2  ? 2.969   -2.204  -4.530  1.00 13.46 ? 2  DG  A C4    1 
ATOM   42  P P     . DG  A 1 3  ? 1.514   -5.157  -9.798  1.00 22.11 ? 3  DG  A P     1 
ATOM   43  O OP1   . DG  A 1 3  ? 2.069   -5.779  -11.030 1.00 22.82 ? 3  DG  A OP1   1 
ATOM   44  O OP2   . DG  A 1 3  ? 0.273   -4.380  -9.815  1.00 22.44 ? 3  DG  A OP2   1 
ATOM   45  O "O5'" . DG  A 1 3  ? 1.265   -6.297  -8.717  1.00 20.33 ? 3  DG  A "O5'" 1 
ATOM   46  C "C5'" . DG  A 1 3  ? 1.039   -5.949  -7.381  1.00 17.81 ? 3  DG  A "C5'" 1 
ATOM   47  C "C4'" . DG  A 1 3  ? 0.669   -7.233  -6.676  1.00 17.28 ? 3  DG  A "C4'" 1 
ATOM   48  O "O4'" . DG  A 1 3  ? 0.776   -7.086  -5.233  1.00 17.67 ? 3  DG  A "O4'" 1 
ATOM   49  C "C3'" . DG  A 1 3  ? -0.747  -7.704  -6.958  1.00 17.38 ? 3  DG  A "C3'" 1 
ATOM   50  O "O3'" . DG  A 1 3  ? -0.743  -9.160  -6.934  1.00 17.55 ? 3  DG  A "O3'" 1 
ATOM   51  C "C2'" . DG  A 1 3  ? -1.496  -7.017  -5.816  1.00 15.56 ? 3  DG  A "C2'" 1 
ATOM   52  C "C1'" . DG  A 1 3  ? -0.512  -7.248  -4.676  1.00 15.95 ? 3  DG  A "C1'" 1 
ATOM   53  N N9    . DG  A 1 3  ? -0.615  -6.283  -3.596  1.00 14.85 ? 3  DG  A N9    1 
ATOM   54  C C8    . DG  A 1 3  ? -0.753  -6.598  -2.270  1.00 14.04 ? 3  DG  A C8    1 
ATOM   55  N N7    . DG  A 1 3  ? -0.806  -5.553  -1.516  1.00 13.74 ? 3  DG  A N7    1 
ATOM   56  C C5    . DG  A 1 3  ? -0.695  -4.492  -2.390  1.00 13.43 ? 3  DG  A C5    1 
ATOM   57  C C6    . DG  A 1 3  ? -0.691  -3.114  -2.136  1.00 13.01 ? 3  DG  A C6    1 
ATOM   58  O O6    . DG  A 1 3  ? -0.795  -2.580  -1.048  1.00 15.70 ? 3  DG  A O6    1 
ATOM   59  N N1    . DG  A 1 3  ? -0.572  -2.319  -3.275  1.00 14.21 ? 3  DG  A N1    1 
ATOM   60  C C2    . DG  A 1 3  ? -0.439  -2.837  -4.536  1.00 13.25 ? 3  DG  A C2    1 
ATOM   61  N N2    . DG  A 1 3  ? -0.310  -1.956  -5.521  1.00 15.10 ? 3  DG  A N2    1 
ATOM   62  N N3    . DG  A 1 3  ? -0.444  -4.125  -4.807  1.00 13.86 ? 3  DG  A N3    1 
ATOM   63  C C4    . DG  A 1 3  ? -0.585  -4.908  -3.689  1.00 13.73 ? 3  DG  A C4    1 
ATOM   64  P P     . DG  A 1 4  ? -2.020  -10.051 -7.238  1.00 19.87 ? 4  DG  A P     1 
ATOM   65  O OP1   . DG  A 1 4  ? -1.506  -11.392 -7.571  1.00 17.49 ? 4  DG  A OP1   1 
ATOM   66  O OP2   . DG  A 1 4  ? -2.935  -9.335  -8.129  1.00 15.53 ? 4  DG  A OP2   1 
ATOM   67  O "O5'" . DG  A 1 4  ? -2.741  -10.112 -5.827  1.00 19.82 ? 4  DG  A "O5'" 1 
ATOM   68  C "C5'" . DG  A 1 4  ? -2.223  -10.880 -4.724  1.00 18.87 ? 4  DG  A "C5'" 1 
ATOM   69  C "C4'" . DG  A 1 4  ? -3.137  -10.631 -3.537  1.00 18.08 ? 4  DG  A "C4'" 1 
ATOM   70  O "O4'" . DG  A 1 4  ? -3.060  -9.241  -3.126  1.00 15.41 ? 4  DG  A "O4'" 1 
ATOM   71  C "C3'" . DG  A 1 4  ? -4.623  -10.885 -3.788  1.00 17.64 ? 4  DG  A "C3'" 1 
ATOM   72  O "O3'" . DG  A 1 4  ? -5.041  -11.778 -2.765  1.00 18.81 ? 4  DG  A "O3'" 1 
ATOM   73  C "C2'" . DG  A 1 4  ? -5.285  -9.502  -3.700  1.00 17.39 ? 4  DG  A "C2'" 1 
ATOM   74  C "C1'" . DG  A 1 4  ? -4.356  -8.781  -2.748  1.00 15.27 ? 4  DG  A "C1'" 1 
ATOM   75  N N9    . DG  A 1 4  ? -4.288  -7.324  -2.808  1.00 14.31 ? 4  DG  A N9    1 
ATOM   76  C C8    . DG  A 1 4  ? -4.188  -6.530  -3.929  1.00 14.00 ? 4  DG  A C8    1 
ATOM   77  N N7    . DG  A 1 4  ? -4.101  -5.245  -3.675  1.00 13.02 ? 4  DG  A N7    1 
ATOM   78  C C5    . DG  A 1 4  ? -4.150  -5.201  -2.297  1.00 11.69 ? 4  DG  A C5    1 
ATOM   79  C C6    . DG  A 1 4  ? -4.091  -4.096  -1.451  1.00 9.80  ? 4  DG  A C6    1 
ATOM   80  O O6    . DG  A 1 4  ? -3.992  -2.929  -1.825  1.00 14.52 ? 4  DG  A O6    1 
ATOM   81  N N1    . DG  A 1 4  ? -4.165  -4.410  -0.090  1.00 11.67 ? 4  DG  A N1    1 
ATOM   82  C C2    . DG  A 1 4  ? -4.295  -5.696  0.404   1.00 11.94 ? 4  DG  A C2    1 
ATOM   83  N N2    . DG  A 1 4  ? -4.375  -5.868  1.735   1.00 11.41 ? 4  DG  A N2    1 
ATOM   84  N N3    . DG  A 1 4  ? -4.341  -6.749  -0.398  1.00 13.41 ? 4  DG  A N3    1 
ATOM   85  C C4    . DG  A 1 4  ? -4.261  -6.445  -1.734  1.00 13.03 ? 4  DG  A C4    1 
ATOM   86  P P     . DT  A 1 5  ? -6.477  -12.435 -2.602  1.00 19.61 ? 5  DT  A P     1 
ATOM   87  O OP1   . DT  A 1 5  ? -6.270  -13.783 -2.016  1.00 19.59 ? 5  DT  A OP1   1 
ATOM   88  O OP2   . DT  A 1 5  ? -7.255  -12.279 -3.871  1.00 20.02 ? 5  DT  A OP2   1 
ATOM   89  O "O5'" . DT  A 1 5  ? -7.193  -11.498 -1.527  1.00 18.39 ? 5  DT  A "O5'" 1 
ATOM   90  C "C5'" . DT  A 1 5  ? -8.239  -11.995 -0.731  1.00 17.63 ? 5  DT  A "C5'" 1 
ATOM   91  C "C4'" . DT  A 1 5  ? -8.441  -11.118 0.491   1.00 17.09 ? 5  DT  A "C4'" 1 
ATOM   92  O "O4'" . DT  A 1 5  ? -7.264  -11.225 1.331   1.00 18.12 ? 5  DT  A "O4'" 1 
ATOM   93  C "C3'" . DT  A 1 5  ? -8.577  -9.640  0.187   1.00 18.57 ? 5  DT  A "C3'" 1 
ATOM   94  O "O3'" . DT  A 1 5  ? -9.438  -9.030  1.133   1.00 19.17 ? 5  DT  A "O3'" 1 
ATOM   95  C "C2'" . DT  A 1 5  ? -7.155  -9.099  0.326   1.00 18.76 ? 5  DT  A "C2'" 1 
ATOM   96  C "C1'" . DT  A 1 5  ? -6.687  -9.929  1.509   1.00 18.07 ? 5  DT  A "C1'" 1 
ATOM   97  N N1    . DT  A 1 5  ? -5.227  -10.050 1.517   1.00 18.24 ? 5  DT  A N1    1 
ATOM   98  C C2    . DT  A 1 5  ? -4.486  -9.232  2.366   1.00 18.87 ? 5  DT  A C2    1 
ATOM   99  O O2    . DT  A 1 5  ? -4.961  -8.392  3.116   1.00 20.74 ? 5  DT  A O2    1 
ATOM   100 N N3    . DT  A 1 5  ? -3.146  -9.452  2.303   1.00 18.74 ? 5  DT  A N3    1 
ATOM   101 C C4    . DT  A 1 5  ? -2.496  -10.375 1.511   1.00 20.13 ? 5  DT  A C4    1 
ATOM   102 O O4    . DT  A 1 5  ? -1.282  -10.477 1.530   1.00 23.53 ? 5  DT  A O4    1 
ATOM   103 C C5    . DT  A 1 5  ? -3.324  -11.197 0.671   1.00 19.90 ? 5  DT  A C5    1 
ATOM   104 C C7    . DT  A 1 5  ? -2.733  -12.231 -0.245  1.00 22.13 ? 5  DT  A C7    1 
ATOM   105 C C6    . DT  A 1 5  ? -4.636  -10.997 0.719   1.00 17.24 ? 5  DT  A C6    1 
ATOM   106 P P     . DT  A 1 6  ? -10.157 -7.663  0.808   1.00 18.91 ? 6  DT  A P     1 
ATOM   107 O OP1   . DT  A 1 6  ? -11.134 -7.446  1.902   1.00 20.87 ? 6  DT  A OP1   1 
ATOM   108 O OP2   . DT  A 1 6  ? -10.656 -7.688  -0.583  1.00 19.53 ? 6  DT  A OP2   1 
ATOM   109 O "O5'" . DT  A 1 6  ? -8.944  -6.615  0.843   1.00 17.87 ? 6  DT  A "O5'" 1 
ATOM   110 C "C5'" . DT  A 1 6  ? -8.494  -5.911  2.011   1.00 17.04 ? 6  DT  A "C5'" 1 
ATOM   111 C "C4'" . DT  A 1 6  ? -8.307  -4.429  1.735   1.00 14.47 ? 6  DT  A "C4'" 1 
ATOM   112 O "O4'" . DT  A 1 6  ? -7.231  -4.273  0.778   1.00 15.08 ? 6  DT  A "O4'" 1 
ATOM   113 C "C3'" . DT  A 1 6  ? -9.487  -3.754  1.062   1.00 16.72 ? 6  DT  A "C3'" 1 
ATOM   114 O "O3'" . DT  A 1 6  ? -10.334 -3.283  2.102   1.00 18.73 ? 6  DT  A "O3'" 1 
ATOM   115 C "C2'" . DT  A 1 6  ? -8.856  -2.609  0.259   1.00 14.44 ? 6  DT  A "C2'" 1 
ATOM   116 C "C1'" . DT  A 1 6  ? -7.518  -3.206  -0.118  1.00 14.31 ? 6  DT  A "C1'" 1 
ATOM   117 N N1    . DT  A 1 6  ? -7.490  -3.733  -1.528  1.00 14.44 ? 6  DT  A N1    1 
ATOM   118 C C2    . DT  A 1 6  ? -7.256  -2.820  -2.518  1.00 13.35 ? 6  DT  A C2    1 
ATOM   119 O O2    . DT  A 1 6  ? -7.098  -1.644  -2.273  1.00 11.98 ? 6  DT  A O2    1 
ATOM   120 N N3    . DT  A 1 6  ? -7.230  -3.347  -3.778  1.00 11.72 ? 6  DT  A N3    1 
ATOM   121 C C4    . DT  A 1 6  ? -7.419  -4.676  -4.159  1.00 13.90 ? 6  DT  A C4    1 
ATOM   122 O O4    . DT  A 1 6  ? -7.375  -5.017  -5.364  1.00 12.99 ? 6  DT  A O4    1 
ATOM   123 C C5    . DT  A 1 6  ? -7.680  -5.587  -3.060  1.00 11.34 ? 6  DT  A C5    1 
ATOM   124 C C7    . DT  A 1 6  ? -7.906  -7.065  -3.282  1.00 12.81 ? 6  DT  A C7    1 
ATOM   125 C C6    . DT  A 1 6  ? -7.707  -5.074  -1.827  1.00 11.94 ? 6  DT  A C6    1 
ATOM   126 P P     . DT  A 1 7  ? -11.793 -2.724  1.870   1.00 19.44 ? 7  DT  A P     1 
ATOM   127 O OP1   . DT  A 1 7  ? -12.316 -2.448  3.231   1.00 20.37 ? 7  DT  A OP1   1 
ATOM   128 O OP2   . DT  A 1 7  ? -12.543 -3.551  0.918   1.00 17.81 ? 7  DT  A OP2   1 
ATOM   129 O "O5'" . DT  A 1 7  ? -11.457 -1.403  1.011   1.00 19.51 ? 7  DT  A "O5'" 1 
ATOM   130 C "C5'" . DT  A 1 7  ? -11.760 -0.095  1.411   1.00 21.70 ? 7  DT  A "C5'" 1 
ATOM   131 C "C4'" . DT  A 1 7  ? -11.597 0.909   0.275   1.00 21.21 ? 7  DT  A "C4'" 1 
ATOM   132 O "O4'" . DT  A 1 7  ? -10.969 0.365   -0.920  1.00 19.96 ? 7  DT  A "O4'" 1 
ATOM   133 C "C3'" . DT  A 1 7  ? -12.885 1.569   -0.199  1.00 21.19 ? 7  DT  A "C3'" 1 
ATOM   134 O "O3'" . DT  A 1 7  ? -12.797 2.946   0.098   1.00 22.96 ? 7  DT  A "O3'" 1 
ATOM   135 C "C2'" . DT  A 1 7  ? -12.891 1.335   -1.705  1.00 19.48 ? 7  DT  A "C2'" 1 
ATOM   136 C "C1'" . DT  A 1 7  ? -11.397 1.221   -1.965  1.00 18.01 ? 7  DT  A "C1'" 1 
ATOM   137 N N1    . DT  A 1 7  ? -11.129 0.638   -3.294  1.00 15.33 ? 7  DT  A N1    1 
ATOM   138 C C2    . DT  A 1 7  ? -11.058 1.493   -4.356  1.00 16.45 ? 7  DT  A C2    1 
ATOM   139 O O2    . DT  A 1 7  ? -11.196 2.708   -4.236  1.00 16.37 ? 7  DT  A O2    1 
ATOM   140 N N3    . DT  A 1 7  ? -10.854 0.864   -5.579  1.00 17.10 ? 7  DT  A N3    1 
ATOM   141 C C4    . DT  A 1 7  ? -10.710 -0.507  -5.799  1.00 17.42 ? 7  DT  A C4    1 
ATOM   142 O O4    . DT  A 1 7  ? -10.519 -0.933  -6.934  1.00 17.88 ? 7  DT  A O4    1 
ATOM   143 C C5    . DT  A 1 7  ? -10.786 -1.348  -4.604  1.00 17.61 ? 7  DT  A C5    1 
ATOM   144 C C7    . DT  A 1 7  ? -10.643 -2.843  -4.671  1.00 17.94 ? 7  DT  A C7    1 
ATOM   145 C C6    . DT  A 1 7  ? -11.003 -0.741  -3.429  1.00 15.04 ? 7  DT  A C6    1 
ATOM   146 P P     . DT  A 1 8  ? -13.552 3.581   1.358   1.00 23.70 ? 8  DT  A P     1 
ATOM   147 O OP1   . DT  A 1 8  ? -13.093 2.989   2.615   1.00 23.98 ? 8  DT  A OP1   1 
ATOM   148 O OP2   . DT  A 1 8  ? -14.981 3.676   1.028   1.00 25.16 ? 8  DT  A OP2   1 
ATOM   149 O "O5'" . DT  A 1 8  ? -12.937 5.052   1.311   1.00 25.07 ? 8  DT  A "O5'" 1 
ATOM   150 C "C5'" . DT  A 1 8  ? -13.211 5.872   0.171   1.00 24.93 ? 8  DT  A "C5'" 1 
ATOM   151 C "C4'" . DT  A 1 8  ? -12.485 7.192   0.309   1.00 23.44 ? 8  DT  A "C4'" 1 
ATOM   152 O "O4'" . DT  A 1 8  ? -12.826 7.864   1.548   1.00 21.95 ? 8  DT  A "O4'" 1 
ATOM   153 C "C3'" . DT  A 1 8  ? -10.968 7.110   0.296   1.00 23.66 ? 8  DT  A "C3'" 1 
ATOM   154 O "O3'" . DT  A 1 8  ? -10.500 8.268   -0.419  1.00 25.31 ? 8  DT  A "O3'" 1 
ATOM   155 C "C2'" . DT  A 1 8  ? -10.581 7.148   1.769   1.00 21.63 ? 8  DT  A "C2'" 1 
ATOM   156 C "C1'" . DT  A 1 8  ? -11.652 8.095   2.303   1.00 22.38 ? 8  DT  A "C1'" 1 
ATOM   157 N N1    . DT  A 1 8  ? -11.988 7.912   3.744   1.00 20.99 ? 8  DT  A N1    1 
ATOM   158 C C2    . DT  A 1 8  ? -11.610 8.876   4.658   1.00 20.05 ? 8  DT  A C2    1 
ATOM   159 O O2    . DT  A 1 8  ? -10.988 9.885   4.376   1.00 19.21 ? 8  DT  A O2    1 
ATOM   160 N N3    . DT  A 1 8  ? -11.988 8.598   5.944   1.00 19.66 ? 8  DT  A N3    1 
ATOM   161 C C4    . DT  A 1 8  ? -12.674 7.496   6.412   1.00 19.46 ? 8  DT  A C4    1 
ATOM   162 O O4    . DT  A 1 8  ? -12.956 7.389   7.597   1.00 19.70 ? 8  DT  A O4    1 
ATOM   163 C C5    . DT  A 1 8  ? -13.056 6.537   5.404   1.00 18.88 ? 8  DT  A C5    1 
ATOM   164 C C7    . DT  A 1 8  ? -13.812 5.299   5.743   1.00 18.53 ? 8  DT  A C7    1 
ATOM   165 C C6    . DT  A 1 8  ? -12.696 6.789   4.142   1.00 20.65 ? 8  DT  A C6    1 
ATOM   166 P P     . DG  A 1 9  ? -10.091 8.153   -1.960  1.00 22.90 ? 9  DG  A P     1 
ATOM   167 O OP1   . DG  A 1 9  ? -9.921  9.543   -2.468  1.00 23.12 ? 9  DG  A OP1   1 
ATOM   168 O OP2   . DG  A 1 9  ? -11.035 7.247   -2.604  1.00 22.94 ? 9  DG  A OP2   1 
ATOM   169 O "O5'" . DG  A 1 9  ? -8.665  7.392   -1.897  1.00 21.89 ? 9  DG  A "O5'" 1 
ATOM   170 C "C5'" . DG  A 1 9  ? -7.437  8.066   -1.642  1.00 19.82 ? 9  DG  A "C5'" 1 
ATOM   171 C "C4'" . DG  A 1 9  ? -7.247  8.446   -0.169  1.00 17.71 ? 9  DG  A "C4'" 1 
ATOM   172 O "O4'" . DG  A 1 9  ? -7.305  7.295   0.733   1.00 16.74 ? 9  DG  A "O4'" 1 
ATOM   173 C "C3'" . DG  A 1 9  ? -5.912  9.086   0.155   1.00 18.01 ? 9  DG  A "C3'" 1 
ATOM   174 O "O3'" . DG  A 1 9  ? -6.056  9.897   1.339   1.00 20.02 ? 9  DG  A "O3'" 1 
ATOM   175 C "C2'" . DG  A 1 9  ? -5.067  7.852   0.424   1.00 17.32 ? 9  DG  A "C2'" 1 
ATOM   176 C "C1'" . DG  A 1 9  ? -6.022  7.072   1.312   1.00 15.22 ? 9  DG  A "C1'" 1 
ATOM   177 N N9    . DG  A 1 9  ? -5.761  5.625   1.363   1.00 13.55 ? 9  DG  A N9    1 
ATOM   178 C C8    . DG  A 1 9  ? -5.807  4.845   2.480   1.00 13.33 ? 9  DG  A C8    1 
ATOM   179 N N7    . DG  A 1 9  ? -5.551  3.580   2.258   1.00 11.66 ? 9  DG  A N7    1 
ATOM   180 C C5    . DG  A 1 9  ? -5.331  3.530   0.890   1.00 12.27 ? 9  DG  A C5    1 
ATOM   181 C C6    . DG  A 1 9  ? -5.028  2.440   0.055   1.00 12.89 ? 9  DG  A C6    1 
ATOM   182 O O6    . DG  A 1 9  ? -4.867  1.268   0.388   1.00 15.53 ? 9  DG  A O6    1 
ATOM   183 N N1    . DG  A 1 9  ? -4.909  2.781   -1.302  1.00 13.06 ? 9  DG  A N1    1 
ATOM   184 C C2    . DG  A 1 9  ? -5.045  4.055   -1.789  1.00 12.72 ? 9  DG  A C2    1 
ATOM   185 N N2    . DG  A 1 9  ? -4.892  4.222   -3.115  1.00 13.69 ? 9  DG  A N2    1 
ATOM   186 N N3    . DG  A 1 9  ? -5.327  5.083   -1.006  1.00 12.63 ? 9  DG  A N3    1 
ATOM   187 C C4    . DG  A 1 9  ? -5.457  4.767   0.316   1.00 12.40 ? 9  DG  A C4    1 
ATOM   188 P P     . DG  A 1 10 ? -4.843  10.670  2.035   1.00 20.51 ? 10 DG  A P     1 
ATOM   189 O OP1   . DG  A 1 10 ? -5.462  11.815  2.717   1.00 22.88 ? 10 DG  A OP1   1 
ATOM   190 O OP2   . DG  A 1 10 ? -3.797  10.899  1.022   1.00 21.66 ? 10 DG  A OP2   1 
ATOM   191 O "O5'" . DG  A 1 10 ? -4.178  9.626   3.056   1.00 21.46 ? 10 DG  A "O5'" 1 
ATOM   192 C "C5'" . DG  A 1 10 ? -4.812  9.234   4.266   1.00 21.66 ? 10 DG  A "C5'" 1 
ATOM   193 C "C4'" . DG  A 1 10 ? -4.050  8.081   4.901   1.00 20.61 ? 10 DG  A "C4'" 1 
ATOM   194 O "O4'" . DG  A 1 10 ? -3.920  6.977   3.980   1.00 18.18 ? 10 DG  A "O4'" 1 
ATOM   195 C "C3'" . DG  A 1 10 ? -2.621  8.379   5.340   1.00 21.91 ? 10 DG  A "C3'" 1 
ATOM   196 O "O3'" . DG  A 1 10 ? -2.591  7.811   6.613   1.00 26.25 ? 10 DG  A "O3'" 1 
ATOM   197 C "C2'" . DG  A 1 10 ? -1.753  7.604   4.340   1.00 18.94 ? 10 DG  A "C2'" 1 
ATOM   198 C "C1'" . DG  A 1 10 ? -2.646  6.392   4.166   1.00 16.95 ? 10 DG  A "C1'" 1 
ATOM   199 N N9    . DG  A 1 10 ? -2.384  5.474   3.057   1.00 14.00 ? 10 DG  A N9    1 
ATOM   200 C C8    . DG  A 1 10 ? -2.248  5.782   1.724   1.00 13.81 ? 10 DG  A C8    1 
ATOM   201 N N7    . DG  A 1 10 ? -2.055  4.738   0.959   1.00 12.32 ? 10 DG  A N7    1 
ATOM   202 C C5    . DG  A 1 10 ? -2.069  3.678   1.853   1.00 13.28 ? 10 DG  A C5    1 
ATOM   203 C C6    . DG  A 1 10 ? -1.910  2.298   1.623   1.00 12.71 ? 10 DG  A C6    1 
ATOM   204 O O6    . DG  A 1 10 ? -1.717  1.758   0.532   1.00 15.15 ? 10 DG  A O6    1 
ATOM   205 N N1    . DG  A 1 10 ? -1.989  1.509   2.778   1.00 11.83 ? 10 DG  A N1    1 
ATOM   206 C C2    . DG  A 1 10 ? -2.216  2.020   4.038   1.00 13.16 ? 10 DG  A C2    1 
ATOM   207 N N2    . DG  A 1 10 ? -2.275  1.144   5.061   1.00 13.81 ? 10 DG  A N2    1 
ATOM   208 N N3    . DG  A 1 10 ? -2.370  3.322   4.270   1.00 12.95 ? 10 DG  A N3    1 
ATOM   209 C C4    . DG  A 1 10 ? -2.291  4.098   3.144   1.00 13.83 ? 10 DG  A C4    1 
ATOM   210 P P     . DG  A 1 11 ? -1.352  7.970   7.600   1.00 29.77 ? 11 DG  A P     1 
ATOM   211 O OP1   . DG  A 1 11 ? -1.633  9.054   8.559   1.00 30.25 ? 11 DG  A OP1   1 
ATOM   212 O OP2   . DG  A 1 11 ? -0.065  8.018   6.850   1.00 32.92 ? 11 DG  A OP2   1 
ATOM   213 O "O5'" . DG  A 1 11 ? -1.466  6.538   8.236   1.00 28.42 ? 11 DG  A "O5'" 1 
ATOM   214 C "C5'" . DG  A 1 11 ? -0.823  5.456   7.532   1.00 23.62 ? 11 DG  A "C5'" 1 
ATOM   215 C "C4'" . DG  A 1 11 ? -0.298  4.519   8.589   1.00 21.27 ? 11 DG  A "C4'" 1 
ATOM   216 O "O4'" . DG  A 1 11 ? -0.275  3.142   8.140   1.00 20.32 ? 11 DG  A "O4'" 1 
ATOM   217 C "C3'" . DG  A 1 11 ? 1.103   4.845   9.069   1.00 19.69 ? 11 DG  A "C3'" 1 
ATOM   218 O "O3'" . DG  A 1 11 ? 1.051   4.594   10.469  1.00 20.86 ? 11 DG  A "O3'" 1 
ATOM   219 C "C2'" . DG  A 1 11 ? 1.953   3.850   8.306   1.00 17.51 ? 11 DG  A "C2'" 1 
ATOM   220 C "C1'" . DG  A 1 11 ? 1.040   2.637   8.225   1.00 16.16 ? 11 DG  A "C1'" 1 
ATOM   221 N N9    . DG  A 1 11 ? 1.166   1.812   7.018   1.00 14.59 ? 11 DG  A N9    1 
ATOM   222 C C8    . DG  A 1 11 ? 1.219   0.442   7.003   1.00 12.47 ? 11 DG  A C8    1 
ATOM   223 N N7    . DG  A 1 11 ? 1.292   -0.063  5.811   1.00 12.20 ? 11 DG  A N7    1 
ATOM   224 C C5    . DG  A 1 11 ? 1.294   1.052   4.990   1.00 13.40 ? 11 DG  A C5    1 
ATOM   225 C C6    . DG  A 1 11 ? 1.351   1.112   3.588   1.00 13.48 ? 11 DG  A C6    1 
ATOM   226 O O6    . DG  A 1 11 ? 1.431   0.156   2.796   1.00 13.16 ? 11 DG  A O6    1 
ATOM   227 N N1    . DG  A 1 11 ? 1.310   2.421   3.110   1.00 11.89 ? 11 DG  A N1    1 
ATOM   228 C C2    . DG  A 1 11 ? 1.223   3.540   3.884   1.00 11.84 ? 11 DG  A C2    1 
ATOM   229 N N2    . DG  A 1 11 ? 1.210   4.695   3.218   1.00 13.02 ? 11 DG  A N2    1 
ATOM   230 N N3    . DG  A 1 11 ? 1.169   3.505   5.198   1.00 13.88 ? 11 DG  A N3    1 
ATOM   231 C C4    . DG  A 1 11 ? 1.201   2.224   5.697   1.00 13.85 ? 11 DG  A C4    1 
ATOM   232 P P     . DG  A 1 12 ? 2.271   4.816   11.470  1.00 22.02 ? 12 DG  A P     1 
ATOM   233 O OP1   . DG  A 1 12 ? 1.626   4.895   12.804  1.00 22.94 ? 12 DG  A OP1   1 
ATOM   234 O OP2   . DG  A 1 12 ? 3.113   5.918   10.932  1.00 22.71 ? 12 DG  A OP2   1 
ATOM   235 O "O5'" . DG  A 1 12 ? 3.153   3.496   11.335  1.00 19.53 ? 12 DG  A "O5'" 1 
ATOM   236 C "C5'" . DG  A 1 12 ? 2.677   2.191   11.714  1.00 17.09 ? 12 DG  A "C5'" 1 
ATOM   237 C "C4'" . DG  A 1 12 ? 3.672   1.141   11.290  1.00 16.27 ? 12 DG  A "C4'" 1 
ATOM   238 O "O4'" . DG  A 1 12 ? 3.637   1.047   9.847   1.00 16.82 ? 12 DG  A "O4'" 1 
ATOM   239 C "C3'" . DG  A 1 12 ? 5.141   1.425   11.618  1.00 16.39 ? 12 DG  A "C3'" 1 
ATOM   240 O "O3'" . DG  A 1 12 ? 5.684   0.285   12.254  1.00 19.30 ? 12 DG  A "O3'" 1 
ATOM   241 C "C2'" . DG  A 1 12 ? 5.856   1.616   10.283  1.00 16.10 ? 12 DG  A "C2'" 1 
ATOM   242 C "C1'" . DG  A 1 12 ? 4.949   0.791   9.374   1.00 15.26 ? 12 DG  A "C1'" 1 
ATOM   243 N N9    . DG  A 1 12 ? 4.890   1.147   7.966   1.00 13.09 ? 12 DG  A N9    1 
ATOM   244 C C8    . DG  A 1 12 ? 4.760   2.413   7.421   1.00 13.29 ? 12 DG  A C8    1 
ATOM   245 N N7    . DG  A 1 12 ? 4.703   2.427   6.120   1.00 12.52 ? 12 DG  A N7    1 
ATOM   246 C C5    . DG  A 1 12 ? 4.786   1.070   5.791   1.00 13.07 ? 12 DG  A C5    1 
ATOM   247 C C6    . DG  A 1 12 ? 4.798   0.451   4.521   1.00 13.00 ? 12 DG  A C6    1 
ATOM   248 O O6    . DG  A 1 12 ? 4.692   1.025   3.418   1.00 13.74 ? 12 DG  A O6    1 
ATOM   249 N N1    . DG  A 1 12 ? 4.942   -0.944  4.592   1.00 12.18 ? 12 DG  A N1    1 
ATOM   250 C C2    . DG  A 1 12 ? 5.075   -1.654  5.776   1.00 13.55 ? 12 DG  A C2    1 
ATOM   251 N N2    . DG  A 1 12 ? 5.202   -2.989  5.688   1.00 13.56 ? 12 DG  A N2    1 
ATOM   252 N N3    . DG  A 1 12 ? 5.064   -1.081  6.980   1.00 12.88 ? 12 DG  A N3    1 
ATOM   253 C C4    . DG  A 1 12 ? 4.903   0.270   6.914   1.00 12.95 ? 12 DG  A C4    1 
ATOM   254 O "O5'" . DG  B 1 1  ? -6.136  0.551   7.602   1.00 21.22 ? 13 DG  B "O5'" 1 
ATOM   255 C "C5'" . DG  B 1 1  ? -7.113  -0.148  8.391   1.00 18.59 ? 13 DG  B "C5'" 1 
ATOM   256 C "C4'" . DG  B 1 1  ? -6.693  -1.577  8.745   1.00 17.35 ? 13 DG  B "C4'" 1 
ATOM   257 O "O4'" . DG  B 1 1  ? -6.828  -2.453  7.591   1.00 17.78 ? 13 DG  B "O4'" 1 
ATOM   258 C "C3'" . DG  B 1 1  ? -5.246  -1.784  9.203   1.00 16.18 ? 13 DG  B "C3'" 1 
ATOM   259 O "O3'" . DG  B 1 1  ? -5.161  -2.863  10.110  1.00 17.01 ? 13 DG  B "O3'" 1 
ATOM   260 C "C2'" . DG  B 1 1  ? -4.519  -2.160  7.914   1.00 15.06 ? 13 DG  B "C2'" 1 
ATOM   261 C "C1'" . DG  B 1 1  ? -5.573  -2.988  7.205   1.00 13.62 ? 13 DG  B "C1'" 1 
ATOM   262 N N9    . DG  B 1 1  ? -5.342  -2.976  5.748   1.00 14.68 ? 13 DG  B N9    1 
ATOM   263 C C8    . DG  B 1 1  ? -5.086  -4.089  5.001   1.00 12.22 ? 13 DG  B C8    1 
ATOM   264 N N7    . DG  B 1 1  ? -4.903  -3.846  3.744   1.00 14.17 ? 13 DG  B N7    1 
ATOM   265 C C5    . DG  B 1 1  ? -5.047  -2.462  3.642   1.00 13.48 ? 13 DG  B C5    1 
ATOM   266 C C6    . DG  B 1 1  ? -4.917  -1.635  2.516   1.00 12.26 ? 13 DG  B C6    1 
ATOM   267 O O6    . DG  B 1 1  ? -4.647  -2.001  1.347   1.00 13.71 ? 13 DG  B O6    1 
ATOM   268 N N1    . DG  B 1 1  ? -5.092  -0.280  2.820   1.00 12.06 ? 13 DG  B N1    1 
ATOM   269 C C2    . DG  B 1 1  ? -5.386  0.193   4.073   1.00 13.55 ? 13 DG  B C2    1 
ATOM   270 N N2    . DG  B 1 1  ? -5.565  1.518   4.191   1.00 14.55 ? 13 DG  B N2    1 
ATOM   271 N N3    . DG  B 1 1  ? -5.505  -0.577  5.145   1.00 13.85 ? 13 DG  B N3    1 
ATOM   272 C C4    . DG  B 1 1  ? -5.305  -1.900  4.863   1.00 14.31 ? 13 DG  B C4    1 
ATOM   273 P P     . DG  B 1 2  ? -3.794  -3.254  10.886  1.00 17.11 ? 14 DG  B P     1 
ATOM   274 O OP1   . DG  B 1 2  ? -4.233  -4.154  11.956  1.00 16.97 ? 14 DG  B OP1   1 
ATOM   275 O OP2   . DG  B 1 2  ? -2.997  -2.045  11.123  1.00 17.06 ? 14 DG  B OP2   1 
ATOM   276 O "O5'" . DG  B 1 2  ? -2.925  -4.151  9.901   1.00 15.39 ? 14 DG  B "O5'" 1 
ATOM   277 C "C5'" . DG  B 1 2  ? -3.425  -5.428  9.463   1.00 16.44 ? 14 DG  B "C5'" 1 
ATOM   278 C "C4'" . DG  B 1 2  ? -2.537  -5.938  8.337   1.00 16.20 ? 14 DG  B "C4'" 1 
ATOM   279 O "O4'" . DG  B 1 2  ? -2.710  -5.136  7.135   1.00 14.64 ? 14 DG  B "O4'" 1 
ATOM   280 C "C3'" . DG  B 1 2  ? -1.045  -5.887  8.606   1.00 15.44 ? 14 DG  B "C3'" 1 
ATOM   281 O "O3'" . DG  B 1 2  ? -0.526  -7.118  8.144   1.00 15.15 ? 14 DG  B "O3'" 1 
ATOM   282 C "C2'" . DG  B 1 2  ? -0.549  -4.727  7.726   1.00 15.44 ? 14 DG  B "C2'" 1 
ATOM   283 C "C1'" . DG  B 1 2  ? -1.447  -4.942  6.524   1.00 13.37 ? 14 DG  B "C1'" 1 
ATOM   284 N N9    . DG  B 1 2  ? -1.515  -3.798  5.610   1.00 12.66 ? 14 DG  B N9    1 
ATOM   285 C C8    . DG  B 1 2  ? -1.678  -2.464  5.933   1.00 12.00 ? 14 DG  B C8    1 
ATOM   286 N N7    . DG  B 1 2  ? -1.678  -1.667  4.892   1.00 11.64 ? 14 DG  B N7    1 
ATOM   287 C C5    . DG  B 1 2  ? -1.529  -2.543  3.826   1.00 13.23 ? 14 DG  B C5    1 
ATOM   288 C C6    . DG  B 1 2  ? -1.467  -2.297  2.442   1.00 13.81 ? 14 DG  B C6    1 
ATOM   289 O O6    . DG  B 1 2  ? -1.544  -1.210  1.851   1.00 14.76 ? 14 DG  B O6    1 
ATOM   290 N N1    . DG  B 1 2  ? -1.278  -3.458  1.696   1.00 12.28 ? 14 DG  B N1    1 
ATOM   291 C C2    . DG  B 1 2  ? -1.175  -4.724  2.203   1.00 12.35 ? 14 DG  B C2    1 
ATOM   292 N N2    . DG  B 1 2  ? -1.002  -5.729  1.322   1.00 8.10  ? 14 DG  B N2    1 
ATOM   293 N N3    . DG  B 1 2  ? -1.247  -4.970  3.503   1.00 13.76 ? 14 DG  B N3    1 
ATOM   294 C C4    . DG  B 1 2  ? -1.420  -3.847  4.247   1.00 12.30 ? 14 DG  B C4    1 
ATOM   295 P P     . DG  B 1 3  ? 0.931   -7.653  8.533   1.00 15.72 ? 15 DG  B P     1 
ATOM   296 O OP1   . DG  B 1 3  ? 0.693   -8.749  9.483   1.00 15.09 ? 15 DG  B OP1   1 
ATOM   297 O OP2   . DG  B 1 3  ? 1.868   -6.545  8.789   1.00 13.34 ? 15 DG  B OP2   1 
ATOM   298 O "O5'" . DG  B 1 3  ? 1.366   -8.341  7.178   1.00 16.66 ? 15 DG  B "O5'" 1 
ATOM   299 C "C5'" . DG  B 1 3  ? 1.375   -7.650  5.935   1.00 17.26 ? 15 DG  B "C5'" 1 
ATOM   300 C "C4'" . DG  B 1 3  ? 2.240   -8.499  5.012   1.00 16.83 ? 15 DG  B "C4'" 1 
ATOM   301 O "O4'" . DG  B 1 3  ? 2.176   -7.995  3.650   1.00 15.10 ? 15 DG  B "O4'" 1 
ATOM   302 C "C3'" . DG  B 1 3  ? 3.727   -8.583  5.343   1.00 14.94 ? 15 DG  B "C3'" 1 
ATOM   303 O "O3'" . DG  B 1 3  ? 4.208   -9.884  4.915   1.00 15.81 ? 15 DG  B "O3'" 1 
ATOM   304 C "C2'" . DG  B 1 3  ? 4.284   -7.464  4.492   1.00 12.64 ? 15 DG  B "C2'" 1 
ATOM   305 C "C1'" . DG  B 1 3  ? 3.468   -7.639  3.209   1.00 14.47 ? 15 DG  B "C1'" 1 
ATOM   306 N N9    . DG  B 1 3  ? 3.239   -6.452  2.369   1.00 14.25 ? 15 DG  B N9    1 
ATOM   307 C C8    . DG  B 1 3  ? 3.335   -6.374  1.002   1.00 12.88 ? 15 DG  B C8    1 
ATOM   308 N N7    . DG  B 1 3  ? 3.043   -5.204  0.524   1.00 12.72 ? 15 DG  B N7    1 
ATOM   309 C C5    . DG  B 1 3  ? 2.704   -4.455  1.634   1.00 11.93 ? 15 DG  B C5    1 
ATOM   310 C C6    . DG  B 1 3  ? 2.298   -3.106  1.792   1.00 11.27 ? 15 DG  B C6    1 
ATOM   311 O O6    . DG  B 1 3  ? 2.128   -2.222  0.951   1.00 10.64 ? 15 DG  B O6    1 
ATOM   312 N N1    . DG  B 1 3  ? 2.069   -2.750  3.118   1.00 9.67  ? 15 DG  B N1    1 
ATOM   313 C C2    . DG  B 1 3  ? 2.213   -3.578  4.195   1.00 9.37  ? 15 DG  B C2    1 
ATOM   314 N N2    . DG  B 1 3  ? 1.930   -3.098  5.420   1.00 12.77 ? 15 DG  B N2    1 
ATOM   315 N N3    . DG  B 1 3  ? 2.587   -4.818  4.059   1.00 12.82 ? 15 DG  B N3    1 
ATOM   316 C C4    . DG  B 1 3  ? 2.811   -5.210  2.776   1.00 13.94 ? 15 DG  B C4    1 
ATOM   317 P P     . DG  B 1 4  ? 5.677   -10.399 5.248   1.00 16.49 ? 16 DG  B P     1 
ATOM   318 O OP1   . DG  B 1 4  ? 5.660   -11.858 5.181   1.00 17.45 ? 16 DG  B OP1   1 
ATOM   319 O OP2   . DG  B 1 4  ? 6.098   -9.669  6.458   1.00 16.84 ? 16 DG  B OP2   1 
ATOM   320 O "O5'" . DG  B 1 4  ? 6.542   -9.937  4.009   1.00 17.96 ? 16 DG  B "O5'" 1 
ATOM   321 C "C5'" . DG  B 1 4  ? 6.387   -10.507 2.696   1.00 16.48 ? 16 DG  B "C5'" 1 
ATOM   322 C "C4'" . DG  B 1 4  ? 7.149   -9.620  1.727   1.00 15.63 ? 16 DG  B "C4'" 1 
ATOM   323 O "O4'" . DG  B 1 4  ? 6.472   -8.356  1.703   1.00 13.94 ? 16 DG  B "O4'" 1 
ATOM   324 C "C3'" . DG  B 1 4  ? 8.621   -9.329  2.092   1.00 15.26 ? 16 DG  B "C3'" 1 
ATOM   325 O "O3'" . DG  B 1 4  ? 9.442   -9.498  0.906   1.00 16.84 ? 16 DG  B "O3'" 1 
ATOM   326 C "C2'" . DG  B 1 4  ? 8.572   -7.897  2.598   1.00 15.49 ? 16 DG  B "C2'" 1 
ATOM   327 C "C1'" . DG  B 1 4  ? 7.466   -7.366  1.688   1.00 15.09 ? 16 DG  B "C1'" 1 
ATOM   328 N N9    . DG  B 1 4  ? 6.935   -6.066  2.068   1.00 15.02 ? 16 DG  B N9    1 
ATOM   329 C C8    . DG  B 1 4  ? 6.769   -5.542  3.338   1.00 13.15 ? 16 DG  B C8    1 
ATOM   330 N N7    . DG  B 1 4  ? 6.293   -4.341  3.336   1.00 14.45 ? 16 DG  B N7    1 
ATOM   331 C C5    . DG  B 1 4  ? 6.154   -4.041  1.980   1.00 13.57 ? 16 DG  B C5    1 
ATOM   332 C C6    . DG  B 1 4  ? 5.709   -2.858  1.335   1.00 14.53 ? 16 DG  B C6    1 
ATOM   333 O O6    . DG  B 1 4  ? 5.290   -1.811  1.843   1.00 15.89 ? 16 DG  B O6    1 
ATOM   334 N N1    . DG  B 1 4  ? 5.729   -2.944  -0.053  1.00 14.29 ? 16 DG  B N1    1 
ATOM   335 C C2    . DG  B 1 4  ? 6.139   -4.046  -0.746  1.00 13.61 ? 16 DG  B C2    1 
ATOM   336 N N2    . DG  B 1 4  ? 6.065   -3.921  -2.077  1.00 13.86 ? 16 DG  B N2    1 
ATOM   337 N N3    . DG  B 1 4  ? 6.577   -5.171  -0.173  1.00 14.06 ? 16 DG  B N3    1 
ATOM   338 C C4    . DG  B 1 4  ? 6.553   -5.092  1.184   1.00 14.14 ? 16 DG  B C4    1 
ATOM   339 P P     . DT  B 1 5  ? 11.030  -9.329  0.817   1.00 17.04 ? 17 DT  B P     1 
ATOM   340 O OP1   . DT  B 1 5  ? 11.432  -10.128 -0.340  1.00 17.40 ? 17 DT  B OP1   1 
ATOM   341 O OP2   . DT  B 1 5  ? 11.682  -9.561  2.112   1.00 19.81 ? 17 DT  B OP2   1 
ATOM   342 O "O5'" . DT  B 1 5  ? 11.238  -7.771  0.501   1.00 15.77 ? 17 DT  B "O5'" 1 
ATOM   343 C "C5'" . DT  B 1 5  ? 10.576  -7.163  -0.608  1.00 16.88 ? 17 DT  B "C5'" 1 
ATOM   344 C "C4'" . DT  B 1 5  ? 10.577  -5.652  -0.487  1.00 16.17 ? 17 DT  B "C4'" 1 
ATOM   345 O "O4'" . DT  B 1 5  ? 9.798   -5.268  0.648   1.00 18.34 ? 17 DT  B "O4'" 1 
ATOM   346 C "C3'" . DT  B 1 5  ? 11.916  -5.003  -0.167  1.00 16.98 ? 17 DT  B "C3'" 1 
ATOM   347 O "O3'" . DT  B 1 5  ? 12.656  -4.819  -1.386  1.00 15.66 ? 17 DT  B "O3'" 1 
ATOM   348 C "C2'" . DT  B 1 5  ? 11.499  -3.684  0.482   1.00 15.77 ? 17 DT  B "C2'" 1 
ATOM   349 C "C1'" . DT  B 1 5  ? 10.031  -3.893  0.845   1.00 16.61 ? 17 DT  B "C1'" 1 
ATOM   350 N N1    . DT  B 1 5  ? 9.705   -3.513  2.245   1.00 16.38 ? 17 DT  B N1    1 
ATOM   351 C C2    . DT  B 1 5  ? 9.048   -2.331  2.467   1.00 14.64 ? 17 DT  B C2    1 
ATOM   352 O O2    . DT  B 1 5  ? 8.713   -1.562  1.583   1.00 16.89 ? 17 DT  B O2    1 
ATOM   353 N N3    . DT  B 1 5  ? 8.779   -2.048  3.784   1.00 15.64 ? 17 DT  B N3    1 
ATOM   354 C C4    . DT  B 1 5  ? 9.105   -2.822  4.875   1.00 16.01 ? 17 DT  B C4    1 
ATOM   355 O O4    . DT  B 1 5  ? 8.803   -2.449  6.006   1.00 18.03 ? 17 DT  B O4    1 
ATOM   356 C C5    . DT  B 1 5  ? 9.782   -4.066  4.585   1.00 16.51 ? 17 DT  B C5    1 
ATOM   357 C C7    . DT  B 1 5  ? 10.187  -5.005  5.695   1.00 16.12 ? 17 DT  B C7    1 
ATOM   358 C C6    . DT  B 1 5  ? 10.049  -4.353  3.296   1.00 15.41 ? 17 DT  B C6    1 
ATOM   359 P P     . DT  B 1 6  ? 14.094  -4.128  -1.438  1.00 16.95 ? 18 DT  B P     1 
ATOM   360 O OP1   . DT  B 1 6  ? 14.635  -4.460  -2.775  1.00 17.79 ? 18 DT  B OP1   1 
ATOM   361 O OP2   . DT  B 1 6  ? 14.837  -4.457  -0.219  1.00 17.13 ? 18 DT  B OP2   1 
ATOM   362 O "O5'" . DT  B 1 6  ? 13.782  -2.560  -1.368  1.00 15.96 ? 18 DT  B "O5'" 1 
ATOM   363 C "C5'" . DT  B 1 6  ? 13.005  -1.908  -2.360  1.00 16.03 ? 18 DT  B "C5'" 1 
ATOM   364 C "C4'" . DT  B 1 6  ? 12.807  -0.444  -1.985  1.00 16.56 ? 18 DT  B "C4'" 1 
ATOM   365 O "O4'" . DT  B 1 6  ? 12.087  -0.319  -0.735  1.00 16.78 ? 18 DT  B "O4'" 1 
ATOM   366 C "C3'" . DT  B 1 6  ? 14.073  0.405   -1.844  1.00 17.19 ? 18 DT  B "C3'" 1 
ATOM   367 O "O3'" . DT  B 1 6  ? 13.915  1.767   -2.341  1.00 19.74 ? 18 DT  B "O3'" 1 
ATOM   368 C "C2'" . DT  B 1 6  ? 14.288  0.456   -0.340  1.00 16.60 ? 18 DT  B "C2'" 1 
ATOM   369 C "C1'" . DT  B 1 6  ? 12.831  0.551   0.102   1.00 16.67 ? 18 DT  B "C1'" 1 
ATOM   370 N N1    . DT  B 1 6  ? 12.580  0.126   1.491   1.00 16.52 ? 18 DT  B N1    1 
ATOM   371 C C2    . DT  B 1 6  ? 11.726  0.901   2.238   1.00 16.27 ? 18 DT  B C2    1 
ATOM   372 O O2    . DT  B 1 6  ? 11.181  1.902   1.827   1.00 18.60 ? 18 DT  B O2    1 
ATOM   373 N N3    . DT  B 1 6  ? 11.506  0.451   3.499   1.00 16.50 ? 18 DT  B N3    1 
ATOM   374 C C4    . DT  B 1 6  ? 12.072  -0.650  4.098   1.00 16.57 ? 18 DT  B C4    1 
ATOM   375 O O4    . DT  B 1 6  ? 11.776  -0.898  5.253   1.00 17.97 ? 18 DT  B O4    1 
ATOM   376 C C5    . DT  B 1 6  ? 12.970  -1.443  3.279   1.00 16.78 ? 18 DT  B C5    1 
ATOM   377 C C7    . DT  B 1 6  ? 13.640  -2.683  3.813   1.00 18.16 ? 18 DT  B C7    1 
ATOM   378 C C6    . DT  B 1 6  ? 13.180  -1.019  2.018   1.00 16.13 ? 18 DT  B C6    1 
ATOM   379 P P     . DT  B 1 7  ? 13.613  2.148   -3.861  1.00 17.48 ? 19 DT  B P     1 
ATOM   380 O OP1   . DT  B 1 7  ? 13.576  0.953   -4.709  1.00 21.35 ? 19 DT  B OP1   1 
ATOM   381 O OP2   . DT  B 1 7  ? 14.513  3.260   -4.229  1.00 19.13 ? 19 DT  B OP2   1 
ATOM   382 O "O5'" . DT  B 1 7  ? 12.124  2.647   -3.732  1.00 18.71 ? 19 DT  B "O5'" 1 
ATOM   383 C "C5'" . DT  B 1 7  ? 11.563  3.637   -4.599  1.00 17.91 ? 19 DT  B "C5'" 1 
ATOM   384 C "C4'" . DT  B 1 7  ? 10.312  4.157   -3.917  1.00 17.17 ? 19 DT  B "C4'" 1 
ATOM   385 O "O4'" . DT  B 1 7  ? 9.356   3.075   -3.836  1.00 16.35 ? 19 DT  B "O4'" 1 
ATOM   386 C "C3'" . DT  B 1 7  ? 10.462  4.647   -2.479  1.00 17.56 ? 19 DT  B "C3'" 1 
ATOM   387 O "O3'" . DT  B 1 7  ? 9.435   5.601   -2.256  1.00 17.45 ? 19 DT  B "O3'" 1 
ATOM   388 C "C2'" . DT  B 1 7  ? 10.227  3.396   -1.629  1.00 15.61 ? 19 DT  B "C2'" 1 
ATOM   389 C "C1'" . DT  B 1 7  ? 9.171   2.685   -2.472  1.00 15.74 ? 19 DT  B "C1'" 1 
ATOM   390 N N1    . DT  B 1 7  ? 9.228   1.176   -2.403  1.00 15.62 ? 19 DT  B N1    1 
ATOM   391 C C2    . DT  B 1 7  ? 8.935   0.581   -1.204  1.00 13.20 ? 19 DT  B C2    1 
ATOM   392 O O2    . DT  B 1 7  ? 8.645   1.234   -0.208  1.00 14.80 ? 19 DT  B O2    1 
ATOM   393 N N3    . DT  B 1 7  ? 8.977   -0.793  -1.215  1.00 12.61 ? 19 DT  B N3    1 
ATOM   394 C C4    . DT  B 1 7  ? 9.295   -1.598  -2.289  1.00 13.31 ? 19 DT  B C4    1 
ATOM   395 O O4    . DT  B 1 7  ? 9.307   -2.815  -2.172  1.00 14.19 ? 19 DT  B O4    1 
ATOM   396 C C5    . DT  B 1 7  ? 9.604   -0.907  -3.536  1.00 13.41 ? 19 DT  B C5    1 
ATOM   397 C C7    . DT  B 1 7  ? 9.949   -1.655  -4.783  1.00 13.53 ? 19 DT  B C7    1 
ATOM   398 C C6    . DT  B 1 7  ? 9.550   0.429   -3.543  1.00 12.93 ? 19 DT  B C6    1 
ATOM   399 P P     . DT  B 1 8  ? 9.683   6.990   -1.540  1.00 18.95 ? 20 DT  B P     1 
ATOM   400 O OP1   . DT  B 1 8  ? 8.618   7.898   -2.004  1.00 19.73 ? 20 DT  B OP1   1 
ATOM   401 O OP2   . DT  B 1 8  ? 11.106  7.331   -1.616  1.00 19.44 ? 20 DT  B OP2   1 
ATOM   402 O "O5'" . DT  B 1 8  ? 9.353   6.679   -0.021  1.00 17.79 ? 20 DT  B "O5'" 1 
ATOM   403 C "C5'" . DT  B 1 8  ? 8.080   6.510   0.524   1.00 13.85 ? 20 DT  B "C5'" 1 
ATOM   404 C "C4'" . DT  B 1 8  ? 8.254   6.248   2.001   1.00 14.47 ? 20 DT  B "C4'" 1 
ATOM   405 O "O4'" . DT  B 1 8  ? 9.180   5.156   2.198   1.00 14.98 ? 20 DT  B "O4'" 1 
ATOM   406 C "C3'" . DT  B 1 8  ? 8.783   7.411   2.839   1.00 12.64 ? 20 DT  B "C3'" 1 
ATOM   407 O "O3'" . DT  B 1 8  ? 8.019   7.426   4.042   1.00 15.74 ? 20 DT  B "O3'" 1 
ATOM   408 C "C2'" . DT  B 1 8  ? 10.237  7.099   3.116   1.00 13.03 ? 20 DT  B "C2'" 1 
ATOM   409 C "C1'" . DT  B 1 8  ? 10.216  5.581   3.092   1.00 14.59 ? 20 DT  B "C1'" 1 
ATOM   410 N N1    . DT  B 1 8  ? 11.514  4.917   2.690   1.00 16.86 ? 20 DT  B N1    1 
ATOM   411 C C2    . DT  B 1 8  ? 12.169  4.124   3.616   1.00 17.55 ? 20 DT  B C2    1 
ATOM   412 O O2    . DT  B 1 8  ? 11.752  3.960   4.748   1.00 17.09 ? 20 DT  B O2    1 
ATOM   413 N N3    . DT  B 1 8  ? 13.337  3.532   3.170   1.00 17.50 ? 20 DT  B N3    1 
ATOM   414 C C4    . DT  B 1 8  ? 13.890  3.655   1.909   1.00 17.65 ? 20 DT  B C4    1 
ATOM   415 O O4    . DT  B 1 8  ? 14.939  3.085   1.619   1.00 17.05 ? 20 DT  B O4    1 
ATOM   416 C C5    . DT  B 1 8  ? 13.145  4.504   0.978   1.00 17.69 ? 20 DT  B C5    1 
ATOM   417 C C7    . DT  B 1 8  ? 13.630  4.736   -0.417  1.00 14.92 ? 20 DT  B C7    1 
ATOM   418 C C6    . DT  B 1 8  ? 12.019  5.091   1.415   1.00 15.39 ? 20 DT  B C6    1 
ATOM   419 P P     . DG  B 1 9  ? 7.753   8.769   4.856   1.00 16.75 ? 21 DG  B P     1 
ATOM   420 O OP1   . DG  B 1 9  ? 9.049   9.450   4.964   1.00 17.79 ? 21 DG  B OP1   1 
ATOM   421 O OP2   . DG  B 1 9  ? 6.977   8.434   6.074   1.00 18.21 ? 21 DG  B OP2   1 
ATOM   422 O "O5'" . DG  B 1 9  ? 6.847   9.640   3.893   1.00 16.96 ? 21 DG  B "O5'" 1 
ATOM   423 C "C5'" . DG  B 1 9  ? 5.462   9.389   3.786   1.00 14.73 ? 21 DG  B "C5'" 1 
ATOM   424 C "C4'" . DG  B 1 9  ? 5.055   9.973   2.454   1.00 15.64 ? 21 DG  B "C4'" 1 
ATOM   425 O "O4'" . DG  B 1 9  ? 5.517   9.085   1.408   1.00 15.04 ? 21 DG  B "O4'" 1 
ATOM   426 C "C3'" . DG  B 1 9  ? 3.560   10.113  2.272   1.00 17.32 ? 21 DG  B "C3'" 1 
ATOM   427 O "O3'" . DG  B 1 9  ? 3.325   11.260  1.455   1.00 19.97 ? 21 DG  B "O3'" 1 
ATOM   428 C "C2'" . DG  B 1 9  ? 3.192   8.792   1.598   1.00 14.77 ? 21 DG  B "C2'" 1 
ATOM   429 C "C1'" . DG  B 1 9  ? 4.409   8.560   0.716   1.00 13.19 ? 21 DG  B "C1'" 1 
ATOM   430 N N9    . DG  B 1 9  ? 4.619   7.136   0.430   1.00 13.33 ? 21 DG  B N9    1 
ATOM   431 C C8    . DG  B 1 9  ? 4.769   6.604   -0.821  1.00 12.20 ? 21 DG  B C8    1 
ATOM   432 N N7    . DG  B 1 9  ? 4.905   5.313   -0.802  1.00 13.37 ? 21 DG  B N7    1 
ATOM   433 C C5    . DG  B 1 9  ? 4.821   4.973   0.549   1.00 10.34 ? 21 DG  B C5    1 
ATOM   434 C C6    . DG  B 1 9  ? 4.917   3.735   1.187   1.00 11.91 ? 21 DG  B C6    1 
ATOM   435 O O6    . DG  B 1 9  ? 5.081   2.639   0.652   1.00 12.66 ? 21 DG  B O6    1 
ATOM   436 N N1    . DG  B 1 9  ? 4.792   3.790   2.574   1.00 12.64 ? 21 DG  B N1    1 
ATOM   437 C C2    . DG  B 1 9  ? 4.603   4.942   3.283   1.00 13.05 ? 21 DG  B C2    1 
ATOM   438 N N2    . DG  B 1 9  ? 4.510   4.855   4.619   1.00 12.57 ? 21 DG  B N2    1 
ATOM   439 N N3    . DG  B 1 9  ? 4.540   6.117   2.697   1.00 13.85 ? 21 DG  B N3    1 
ATOM   440 C C4    . DG  B 1 9  ? 4.652   6.072   1.330   1.00 12.01 ? 21 DG  B C4    1 
ATOM   441 P P     . DG  B 1 10 ? 1.858   11.696  0.966   1.00 19.79 ? 22 DG  B P     1 
ATOM   442 O OP1   . DG  B 1 10 ? 2.126   13.042  0.431   1.00 19.40 ? 22 DG  B OP1   1 
ATOM   443 O OP2   . DG  B 1 10 ? 0.849   11.415  2.002   1.00 18.32 ? 22 DG  B OP2   1 
ATOM   444 O "O5'" . DG  B 1 10 ? 1.506   10.821  -0.323  1.00 19.16 ? 22 DG  B "O5'" 1 
ATOM   445 C "C5'" . DG  B 1 10 ? 2.373   10.950  -1.459  1.00 16.09 ? 22 DG  B "C5'" 1 
ATOM   446 C "C4'" . DG  B 1 10 ? 2.145   9.861   -2.488  1.00 18.57 ? 22 DG  B "C4'" 1 
ATOM   447 O "O4'" . DG  B 1 10 ? 2.479   8.566   -1.936  1.00 18.15 ? 22 DG  B "O4'" 1 
ATOM   448 C "C3'" . DG  B 1 10 ? 0.718   9.725   -3.037  1.00 18.94 ? 22 DG  B "C3'" 1 
ATOM   449 O "O3'" . DG  B 1 10 ? 0.824   9.546   -4.446  1.00 20.16 ? 22 DG  B "O3'" 1 
ATOM   450 C "C2'" . DG  B 1 10 ? 0.193   8.486   -2.321  1.00 18.68 ? 22 DG  B "C2'" 1 
ATOM   451 C "C1'" . DG  B 1 10 ? 1.474   7.662   -2.333  1.00 16.96 ? 22 DG  B "C1'" 1 
ATOM   452 N N9    . DG  B 1 10 ? 1.451   6.534   -1.420  1.00 15.59 ? 22 DG  B N9    1 
ATOM   453 C C8    . DG  B 1 10 ? 1.156   6.541   -0.077  1.00 14.02 ? 22 DG  B C8    1 
ATOM   454 N N7    . DG  B 1 10 ? 1.227   5.351   0.458   1.00 15.36 ? 22 DG  B N7    1 
ATOM   455 C C5    . DG  B 1 10 ? 1.575   4.523   -0.593  1.00 14.15 ? 22 DG  B C5    1 
ATOM   456 C C6    . DG  B 1 10 ? 1.790   3.123   -0.643  1.00 14.47 ? 22 DG  B C6    1 
ATOM   457 O O6    . DG  B 1 10 ? 1.703   2.312   0.280   1.00 16.70 ? 22 DG  B O6    1 
ATOM   458 N N1    . DG  B 1 10 ? 2.142   2.652   -1.919  1.00 13.33 ? 22 DG  B N1    1 
ATOM   459 C C2    . DG  B 1 10 ? 2.267   3.458   -3.023  1.00 12.98 ? 22 DG  B C2    1 
ATOM   460 N N2    . DG  B 1 10 ? 2.589   2.854   -4.173  1.00 12.45 ? 22 DG  B N2    1 
ATOM   461 N N3    . DG  B 1 10 ? 2.063   4.776   -2.995  1.00 13.93 ? 22 DG  B N3    1 
ATOM   462 C C4    . DG  B 1 10 ? 1.717   5.238   -1.764  1.00 14.43 ? 22 DG  B C4    1 
ATOM   463 P P     . DG  B 1 11 ? -0.415  9.581   -5.460  1.00 21.82 ? 23 DG  B P     1 
ATOM   464 O OP1   . DG  B 1 11 ? 0.215   9.720   -6.803  1.00 23.64 ? 23 DG  B OP1   1 
ATOM   465 O OP2   . DG  B 1 11 ? -1.341  10.589  -5.004  1.00 19.40 ? 23 DG  B OP2   1 
ATOM   466 O "O5'" . DG  B 1 11 ? -1.081  8.137   -5.422  1.00 21.74 ? 23 DG  B "O5'" 1 
ATOM   467 C "C5'" . DG  B 1 11 ? -0.248  6.983   -5.524  1.00 18.39 ? 23 DG  B "C5'" 1 
ATOM   468 C "C4'" . DG  B 1 11 ? -0.242  6.352   -6.907  1.00 17.82 ? 23 DG  B "C4'" 1 
ATOM   469 O "O4'" . DG  B 1 11 ? 0.262   4.994   -6.853  1.00 15.16 ? 23 DG  B "O4'" 1 
ATOM   470 C "C3'" . DG  B 1 11 ? -1.609  6.205   -7.561  1.00 18.17 ? 23 DG  B "C3'" 1 
ATOM   471 O "O3'" . DG  B 1 11 ? -1.409  6.198   -8.976  1.00 16.08 ? 23 DG  B "O3'" 1 
ATOM   472 C "C2'" . DG  B 1 11 ? -2.089  4.858   -7.036  1.00 13.87 ? 23 DG  B "C2'" 1 
ATOM   473 C "C1'" . DG  B 1 11 ? -0.786  4.065   -7.062  1.00 15.07 ? 23 DG  B "C1'" 1 
ATOM   474 N N9    . DG  B 1 11 ? -0.732  2.981   -6.068  1.00 13.72 ? 23 DG  B N9    1 
ATOM   475 C C8    . DG  B 1 11 ? -0.462  1.659   -6.335  1.00 11.94 ? 23 DG  B C8    1 
ATOM   476 N N7    . DG  B 1 11 ? -0.491  0.901   -5.285  1.00 11.39 ? 23 DG  B N7    1 
ATOM   477 C C5    . DG  B 1 11 ? -0.812  1.755   -4.244  1.00 11.78 ? 23 DG  B C5    1 
ATOM   478 C C6    . DG  B 1 11 ? -0.986  1.509   -2.872  1.00 10.97 ? 23 DG  B C6    1 
ATOM   479 O O6    . DG  B 1 11 ? -0.881  0.417   -2.323  1.00 14.30 ? 23 DG  B O6    1 
ATOM   480 N N1    . DG  B 1 11 ? -1.312  2.643   -2.102  1.00 11.50 ? 23 DG  B N1    1 
ATOM   481 C C2    . DG  B 1 11 ? -1.464  3.901   -2.661  1.00 10.83 ? 23 DG  B C2    1 
ATOM   482 N N2    . DG  B 1 11 ? -1.766  4.918   -1.859  1.00 8.89  ? 23 DG  B N2    1 
ATOM   483 N N3    . DG  B 1 11 ? -1.305  4.155   -3.954  1.00 11.72 ? 23 DG  B N3    1 
ATOM   484 C C4    . DG  B 1 11 ? -0.977  3.052   -4.704  1.00 13.27 ? 23 DG  B C4    1 
ATOM   485 P P     . DG  B 1 12 ? -2.657  6.119   -9.970  1.00 17.38 ? 24 DG  B P     1 
ATOM   486 O OP1   . DG  B 1 12 ? -2.080  6.601   -11.252 1.00 17.36 ? 24 DG  B OP1   1 
ATOM   487 O OP2   . DG  B 1 12 ? -3.850  6.750   -9.368  1.00 13.70 ? 24 DG  B OP2   1 
ATOM   488 O "O5'" . DG  B 1 12 ? -2.974  4.551   -10.068 1.00 15.93 ? 24 DG  B "O5'" 1 
ATOM   489 C "C5'" . DG  B 1 12 ? -2.082  3.560   -10.593 1.00 13.96 ? 24 DG  B "C5'" 1 
ATOM   490 C "C4'" . DG  B 1 12 ? -2.739  2.212   -10.403 1.00 14.21 ? 24 DG  B "C4'" 1 
ATOM   491 O "O4'" . DG  B 1 12 ? -2.755  1.930   -8.997  1.00 14.51 ? 24 DG  B "O4'" 1 
ATOM   492 C "C3'" . DG  B 1 12 ? -4.220  2.103   -10.801 1.00 14.60 ? 24 DG  B "C3'" 1 
ATOM   493 O "O3'" . DG  B 1 12 ? -4.392  0.888   -11.519 1.00 15.24 ? 24 DG  B "O3'" 1 
ATOM   494 C "C2'" . DG  B 1 12 ? -4.980  2.064   -9.484  1.00 12.19 ? 24 DG  B "C2'" 1 
ATOM   495 C "C1'" . DG  B 1 12 ? -3.963  1.304   -8.650  1.00 13.09 ? 24 DG  B "C1'" 1 
ATOM   496 N N9    . DG  B 1 12 ? -4.099  1.344   -7.189  1.00 13.12 ? 24 DG  B N9    1 
ATOM   497 C C8    . DG  B 1 12 ? -4.322  2.467   -6.404  1.00 11.95 ? 24 DG  B C8    1 
ATOM   498 N N7    . DG  B 1 12 ? -4.373  2.203   -5.136  1.00 12.53 ? 24 DG  B N7    1 
ATOM   499 C C5    . DG  B 1 12 ? -4.162  0.833   -5.079  1.00 10.76 ? 24 DG  B C5    1 
ATOM   500 C C6    . DG  B 1 12 ? -4.144  -0.019  -3.955  1.00 12.38 ? 24 DG  B C6    1 
ATOM   501 O O6    . DG  B 1 12 ? -4.281  0.299   -2.758  1.00 13.47 ? 24 DG  B O6    1 
ATOM   502 N N1    . DG  B 1 12 ? -3.937  -1.359  -4.300  1.00 10.64 ? 24 DG  B N1    1 
ATOM   503 C C2    . DG  B 1 12 ? -3.777  -1.829  -5.562  1.00 9.80  ? 24 DG  B C2    1 
ATOM   504 N N2    . DG  B 1 12 ? -3.604  -3.161  -5.638  1.00 11.07 ? 24 DG  B N2    1 
ATOM   505 N N3    . DG  B 1 12 ? -3.778  -1.040  -6.632  1.00 9.91  ? 24 DG  B N3    1 
ATOM   506 C C4    . DG  B 1 12 ? -3.995  0.275   -6.318  1.00 11.28 ? 24 DG  B C4    1 
HETATM 507 K K     . K   C 2 .  ? 3.605   0.277   0.884   1.00 14.29 ? 26 K   A K     1 
HETATM 508 K K     . K   D 2 .  ? 0.368   -0.257  0.178   1.00 14.12 ? 27 K   A K     1 
HETATM 509 K K     . K   E 2 .  ? -3.138  -0.681  -0.499  1.00 14.70 ? 28 K   A K     1 
HETATM 510 O O39   . NCJ F 3 .  ? -7.046  -1.436  -5.791  1.00 16.67 ? 29 NCJ A O39   1 
HETATM 511 C C9    . NCJ F 3 .  ? -7.160  -0.717  -6.763  1.00 16.93 ? 29 NCJ A C9    1 
HETATM 512 C C10   . NCJ F 3 .  ? -7.101  -1.292  -8.173  1.00 17.05 ? 29 NCJ A C10   1 
HETATM 513 C C13   . NCJ F 3 .  ? -6.510  -2.706  -8.180  1.00 18.75 ? 29 NCJ A C13   1 
HETATM 514 N N16   . NCJ F 3 .  ? -6.539  -3.355  -9.502  1.00 21.67 ? 29 NCJ A N16   1 
HETATM 515 C C18   . NCJ F 3 .  ? -5.391  -3.036  -10.376 1.00 24.09 ? 29 NCJ A C18   1 
HETATM 516 C C20   . NCJ F 3 .  ? -4.986  -1.575  -10.367 1.00 24.91 ? 29 NCJ A C20   1 
HETATM 517 C C27   . NCJ F 3 .  ? -5.630  -3.487  -11.815 1.00 23.10 ? 29 NCJ A C27   1 
HETATM 518 C C30   . NCJ F 3 .  ? -5.795  -4.991  -11.774 1.00 24.44 ? 29 NCJ A C30   1 
HETATM 519 C C33   . NCJ F 3 .  ? -6.933  -5.351  -10.819 1.00 25.03 ? 29 NCJ A C33   1 
HETATM 520 C C36   . NCJ F 3 .  ? -6.667  -4.817  -9.421  1.00 22.78 ? 29 NCJ A C36   1 
HETATM 521 N N7    . NCJ F 3 .  ? -7.325  0.600   -6.653  1.00 14.95 ? 29 NCJ A N7    1 
HETATM 522 C C6    . NCJ F 3 .  ? -7.498  1.384   -5.492  1.00 14.95 ? 29 NCJ A C6    1 
HETATM 523 C C40   . NCJ F 3 .  ? -7.650  2.771   -5.661  1.00 15.39 ? 29 NCJ A C40   1 
HETATM 524 C C42   . NCJ F 3 .  ? -7.907  3.613   -4.569  1.00 14.73 ? 29 NCJ A C42   1 
HETATM 525 C C4    . NCJ F 3 .  ? -7.631  0.840   -4.213  1.00 14.04 ? 29 NCJ A C4    1 
HETATM 526 C C3    . NCJ F 3 .  ? -7.874  1.673   -3.122  1.00 14.72 ? 29 NCJ A C3    1 
HETATM 527 N N1    . NCJ F 3 .  ? -7.972  1.134   -1.875  1.00 16.74 ? 29 NCJ A N1    1 
HETATM 528 C C44   . NCJ F 3 .  ? -8.027  3.063   -3.303  1.00 15.16 ? 29 NCJ A C44   1 
HETATM 529 C C45   . NCJ F 3 .  ? -8.273  3.896   -2.197  1.00 15.78 ? 29 NCJ A C45   1 
HETATM 530 C C2    . NCJ F 3 .  ? -8.384  3.311   -0.935  1.00 15.84 ? 29 NCJ A C2    1 
HETATM 531 C C47   . NCJ F 3 .  ? -8.636  4.115   0.169   1.00 14.53 ? 29 NCJ A C47   1 
HETATM 532 C C49   . NCJ F 3 .  ? -8.777  3.519   1.421   1.00 15.29 ? 29 NCJ A C49   1 
HETATM 533 C C51   . NCJ F 3 .  ? -8.587  2.137   1.591   1.00 15.90 ? 29 NCJ A C51   1 
HETATM 534 C C85   . NCJ F 3 .  ? -8.346  1.314   0.477   1.00 14.66 ? 29 NCJ A C85   1 
HETATM 535 C C87   . NCJ F 3 .  ? -8.234  1.909   -0.787  1.00 15.82 ? 29 NCJ A C87   1 
HETATM 536 N N52   . NCJ F 3 .  ? -8.787  1.629   2.877   1.00 15.49 ? 29 NCJ A N52   1 
HETATM 537 C C54   . NCJ F 3 .  ? -8.651  0.377   3.273   1.00 17.27 ? 29 NCJ A C54   1 
HETATM 538 O O84   . NCJ F 3 .  ? -8.165  -0.503  2.582   1.00 17.00 ? 29 NCJ A O84   1 
HETATM 539 C C55   . NCJ F 3 .  ? -9.086  0.157   4.706   1.00 19.05 ? 29 NCJ A C55   1 
HETATM 540 C C58   . NCJ F 3 .  ? -8.956  -1.309  5.105   1.00 18.74 ? 29 NCJ A C58   1 
HETATM 541 N N61   . NCJ F 3 .  ? -10.204 -1.793  5.702   1.00 21.28 ? 29 NCJ A N61   1 
HETATM 542 C C63   . NCJ F 3 .  ? -9.915  -3.077  6.349   1.00 21.34 ? 29 NCJ A C63   1 
HETATM 543 C C77   . NCJ F 3 .  ? -9.204  -3.974  5.343   1.00 19.67 ? 29 NCJ A C77   1 
HETATM 544 C C66   . NCJ F 3 .  ? -11.236 -3.746  6.724   1.00 25.12 ? 29 NCJ A C66   1 
HETATM 545 C C69   . NCJ F 3 .  ? -12.075 -2.851  7.632   1.00 25.32 ? 29 NCJ A C69   1 
HETATM 546 C C72   . NCJ F 3 .  ? -12.295 -1.508  6.954   1.00 24.86 ? 29 NCJ A C72   1 
HETATM 547 C C75   . NCJ F 3 .  ? -10.957 -0.883  6.572   1.00 22.51 ? 29 NCJ A C75   1 
HETATM 548 K K     . K   G 2 .  ? 6.956   0.606   1.589   1.00 17.31 ? 25 K   B K     1 
HETATM 549 O O     . HOH H 4 .  ? 2.490   1.527   -8.469  1.00 15.73 ? 30 HOH A O     1 
HETATM 550 O O     . HOH H 4 .  ? -11.234 -5.706  -2.216  1.00 19.23 ? 31 HOH A O     1 
HETATM 551 O O     . HOH H 4 .  ? 1.785   7.285   4.590   1.00 21.78 ? 32 HOH A O     1 
HETATM 552 O O     . HOH H 4 .  ? -5.484  6.605   -4.967  1.00 17.97 ? 33 HOH A O     1 
HETATM 553 O O     . HOH H 4 .  ? -8.288  1.979   -9.066  1.00 15.38 ? 34 HOH A O     1 
HETATM 554 O O     . HOH H 4 .  ? -1.961  -7.686  4.294   1.00 18.96 ? 35 HOH A O     1 
HETATM 555 O O     . HOH H 4 .  ? -14.722 5.295   9.006   1.00 25.83 ? 36 HOH A O     1 
HETATM 556 O O     . HOH H 4 .  ? -4.609  4.077   6.428   1.00 20.87 ? 37 HOH A O     1 
HETATM 557 O O     . HOH H 4 .  ? -10.789 3.492   4.304   1.00 20.64 ? 38 HOH A O     1 
HETATM 558 O O     . HOH H 4 .  ? -4.694  -7.197  5.586   1.00 22.22 ? 39 HOH A O     1 
HETATM 559 O O     . HOH H 4 .  ? 5.878   -5.169  7.426   1.00 21.90 ? 40 HOH A O     1 
HETATM 560 O O     . HOH H 4 .  ? 4.713   -5.355  -5.526  1.00 24.97 ? 41 HOH A O     1 
HETATM 561 O O     . HOH H 4 .  ? 2.977   -2.092  8.878   1.00 41.38 ? 42 HOH A O     1 
HETATM 562 O O     . HOH H 4 .  ? -13.587 1.096   4.392   1.00 25.41 ? 43 HOH A O     1 
HETATM 563 O O     . HOH H 4 .  ? -13.393 -6.252  1.467   1.00 21.20 ? 44 HOH A O     1 
HETATM 564 O O     . HOH H 4 .  ? 2.743   -7.414  -3.256  1.00 26.41 ? 45 HOH A O     1 
HETATM 565 O O     . HOH H 4 .  ? 3.905   -4.665  -12.967 1.00 33.90 ? 46 HOH A O     1 
HETATM 566 O O     . HOH H 4 .  ? -2.639  1.310   7.928   1.00 21.05 ? 47 HOH A O     1 
HETATM 567 O O     . HOH H 4 .  ? 2.677   -1.749  -13.286 1.00 33.42 ? 48 HOH A O     1 
HETATM 568 O O     . HOH H 4 .  ? -17.480 3.242   3.087   1.00 30.29 ? 49 HOH A O     1 
HETATM 569 O O     . HOH H 4 .  ? -8.817  -10.254 -4.362  1.00 31.42 ? 50 HOH A O     1 
HETATM 570 O O     . HOH H 4 .  ? -11.907 -9.368  -1.900  1.00 27.13 ? 51 HOH A O     1 
HETATM 571 O O     . HOH H 4 .  ? -7.729  4.567   -9.608  1.00 28.53 ? 52 HOH A O     1 
HETATM 572 O O     . HOH H 4 .  ? -7.671  7.961   4.490   1.00 31.83 ? 53 HOH A O     1 
HETATM 573 O O     . HOH H 4 .  ? -4.131  -7.002  -7.780  1.00 29.92 ? 54 HOH A O     1 
HETATM 574 O O     . HOH H 4 .  ? 5.212   5.106   -7.895  1.00 28.35 ? 55 HOH A O     1 
HETATM 575 O O     . HOH H 4 .  ? -3.532  10.265  -2.100  1.00 43.39 ? 56 HOH A O     1 
HETATM 576 O O     . HOH H 4 .  ? -14.606 1.417   6.925   1.00 33.61 ? 57 HOH A O     1 
HETATM 577 O O     . HOH H 4 .  ? 5.453   -7.294  -3.769  1.00 33.34 ? 58 HOH A O     1 
HETATM 578 O O     . HOH H 4 .  ? -15.664 -3.547  1.479   1.00 36.56 ? 59 HOH A O     1 
HETATM 579 O O     . HOH H 4 .  ? -5.451  9.352   -4.881  1.00 34.09 ? 60 HOH A O     1 
HETATM 580 O O     . HOH H 4 .  ? -1.173  -3.393  -8.266  1.00 41.73 ? 61 HOH A O     1 
HETATM 581 O O     . HOH H 4 .  ? 0.540   10.298  5.096   1.00 42.85 ? 62 HOH A O     1 
HETATM 582 O O     . HOH H 4 .  ? -15.308 -0.439  1.384   1.00 47.77 ? 63 HOH A O     1 
HETATM 583 O O     . HOH H 4 .  ? -13.998 -4.147  4.015   1.00 34.32 ? 64 HOH A O     1 
HETATM 584 O O     . HOH H 4 .  ? 1.815   -8.715  -0.648  1.00 18.06 ? 65 HOH A O     1 
HETATM 585 O O     . HOH H 4 .  ? -16.268 -0.249  -0.966  1.00 26.03 ? 66 HOH A O     1 
HETATM 586 O O     . HOH I 4 .  ? 4.584   7.193   6.388   1.00 19.83 ? 26 HOH B O     1 
HETATM 587 O O     . HOH I 4 .  ? 7.494   -7.306  6.075   1.00 15.35 ? 27 HOH B O     1 
HETATM 588 O O     . HOH I 4 .  ? -1.225  -1.194  -8.738  1.00 19.33 ? 28 HOH B O     1 
HETATM 589 O O     . HOH I 4 .  ? 14.365  5.813   -4.484  1.00 12.98 ? 29 HOH B O     1 
HETATM 590 O O     . HOH I 4 .  ? -5.489  5.325   -7.658  1.00 19.65 ? 30 HOH B O     1 
HETATM 591 O O     . HOH I 4 .  ? 12.452  -6.443  3.294   1.00 22.49 ? 31 HOH B O     1 
HETATM 592 O O     . HOH I 4 .  ? 12.119  8.786   0.819   1.00 19.30 ? 32 HOH B O     1 
HETATM 593 O O     . HOH I 4 .  ? -3.046  7.507   -2.551  1.00 21.37 ? 33 HOH B O     1 
HETATM 594 O O     . HOH I 4 .  ? 8.723   -4.950  -3.871  1.00 14.98 ? 34 HOH B O     1 
HETATM 595 O O     . HOH I 4 .  ? -3.107  -4.607  -8.097  1.00 22.59 ? 35 HOH B O     1 
HETATM 596 O O     . HOH I 4 .  ? 7.297   -4.437  -6.120  1.00 19.49 ? 36 HOH B O     1 
HETATM 597 O O     . HOH I 4 .  ? 16.947  2.828   0.167   1.00 20.08 ? 37 HOH B O     1 
HETATM 598 O O     . HOH I 4 .  ? -1.503  -0.936  8.899   1.00 20.09 ? 38 HOH B O     1 
HETATM 599 O O     . HOH I 4 .  ? 2.819   -4.317  7.563   1.00 21.70 ? 39 HOH B O     1 
HETATM 600 O O     . HOH I 4 .  ? 8.604   2.520   2.673   1.00 22.66 ? 40 HOH B O     1 
HETATM 601 O O     . HOH I 4 .  ? 8.293   -3.020  -7.921  1.00 25.92 ? 41 HOH B O     1 
HETATM 602 O O     . HOH I 4 .  ? 8.977   -9.782  -2.628  1.00 40.32 ? 42 HOH B O     1 
HETATM 603 O O     . HOH I 4 .  ? 8.127   0.611   4.532   1.00 17.56 ? 43 HOH B O     1 
HETATM 604 O O     . HOH I 4 .  ? 16.838  3.265   -2.468  1.00 24.27 ? 44 HOH B O     1 
HETATM 605 O O     . HOH I 4 .  ? 8.435   0.276   7.056   1.00 15.18 ? 45 HOH B O     1 
HETATM 606 O O     . HOH I 4 .  ? 11.467  0.964   -6.913  1.00 27.79 ? 46 HOH B O     1 
HETATM 607 O O     . HOH I 4 .  ? 2.992   7.469   -7.295  1.00 27.56 ? 47 HOH B O     1 
HETATM 608 O O     . HOH I 4 .  ? -1.611  12.540  1.792   1.00 25.16 ? 48 HOH B O     1 
HETATM 609 O O     . HOH I 4 .  ? 12.980  -5.387  -4.569  1.00 35.77 ? 49 HOH B O     1 
HETATM 610 O O     . HOH I 4 .  ? 3.869   6.351   -4.572  1.00 25.29 ? 50 HOH B O     1 
HETATM 611 O O     . HOH I 4 .  ? 9.035   12.134  3.368   1.00 35.94 ? 51 HOH B O     1 
HETATM 612 O O     . HOH I 4 .  ? 6.684   9.765   8.171   1.00 26.04 ? 52 HOH B O     1 
HETATM 613 O O     . HOH I 4 .  ? 8.530   -2.717  -10.917 1.00 35.54 ? 53 HOH B O     1 
HETATM 614 O O     . HOH I 4 .  ? 11.352  -8.279  -4.014  1.00 43.67 ? 54 HOH B O     1 
HETATM 615 O O     . HOH I 4 .  ? 11.972  3.219   -8.221  1.00 28.43 ? 55 HOH B O     1 
HETATM 616 O O     . HOH I 4 .  ? 7.047   12.359  7.566   1.00 35.63 ? 56 HOH B O     1 
HETATM 617 O O     . HOH I 4 .  ? 13.019  -3.567  -6.968  1.00 30.24 ? 57 HOH B O     1 
HETATM 618 O O     . HOH I 4 .  ? 7.228   13.429  2.019   1.00 41.49 ? 58 HOH B O     1 
HETATM 619 O O     . HOH I 4 .  ? 9.130   13.271  5.830   1.00 37.12 ? 59 HOH B O     1 
# 
loop_
_pdbx_poly_seq_scheme.asym_id 
_pdbx_poly_seq_scheme.entity_id 
_pdbx_poly_seq_scheme.seq_id 
_pdbx_poly_seq_scheme.mon_id 
_pdbx_poly_seq_scheme.ndb_seq_num 
_pdbx_poly_seq_scheme.pdb_seq_num 
_pdbx_poly_seq_scheme.auth_seq_num 
_pdbx_poly_seq_scheme.pdb_mon_id 
_pdbx_poly_seq_scheme.auth_mon_id 
_pdbx_poly_seq_scheme.pdb_strand_id 
_pdbx_poly_seq_scheme.pdb_ins_code 
_pdbx_poly_seq_scheme.hetero 
A 1 1  DG 1  1  1  DG G A . n 
A 1 2  DG 2  2  2  DG G A . n 
A 1 3  DG 3  3  3  DG G A . n 
A 1 4  DG 4  4  4  DG G A . n 
A 1 5  DT 5  5  5  DT T A . n 
A 1 6  DT 6  6  6  DT T A . n 
A 1 7  DT 7  7  7  DT T A . n 
A 1 8  DT 8  8  8  DT T A . n 
A 1 9  DG 9  9  9  DG G A . n 
A 1 10 DG 10 10 10 DG G A . n 
A 1 11 DG 11 11 11 DG G A . n 
A 1 12 DG 12 12 12 DG G A . n 
B 1 1  DG 1  13 13 DG G B . n 
B 1 2  DG 2  14 14 DG G B . n 
B 1 3  DG 3  15 15 DG G B . n 
B 1 4  DG 4  16 16 DG G B . n 
B 1 5  DT 5  17 17 DT T B . n 
B 1 6  DT 6  18 18 DT T B . n 
B 1 7  DT 7  19 19 DT T B . n 
B 1 8  DT 8  20 20 DT T B . n 
B 1 9  DG 9  21 21 DG G B . n 
B 1 10 DG 10 22 22 DG G B . n 
B 1 11 DG 11 23 23 DG G B . n 
B 1 12 DG 12 24 24 DG G B . n 
# 
loop_
_pdbx_nonpoly_scheme.asym_id 
_pdbx_nonpoly_scheme.entity_id 
_pdbx_nonpoly_scheme.mon_id 
_pdbx_nonpoly_scheme.ndb_seq_num 
_pdbx_nonpoly_scheme.pdb_seq_num 
_pdbx_nonpoly_scheme.auth_seq_num 
_pdbx_nonpoly_scheme.pdb_mon_id 
_pdbx_nonpoly_scheme.auth_mon_id 
_pdbx_nonpoly_scheme.pdb_strand_id 
_pdbx_nonpoly_scheme.pdb_ins_code 
C 2 K   1  26 26 K   K   A . 
D 2 K   1  27 27 K   K   A . 
E 2 K   1  28 28 K   K   A . 
F 3 NCJ 1  29 29 NCJ NCJ A . 
G 2 K   1  25 25 K   K   B . 
H 4 HOH 1  30 1  HOH HOH A . 
H 4 HOH 2  31 3  HOH HOH A . 
H 4 HOH 3  32 4  HOH HOH A . 
H 4 HOH 4  33 10 HOH HOH A . 
H 4 HOH 5  34 11 HOH HOH A . 
H 4 HOH 6  35 12 HOH HOH A . 
H 4 HOH 7  36 13 HOH HOH A . 
H 4 HOH 8  37 15 HOH HOH A . 
H 4 HOH 9  38 17 HOH HOH A . 
H 4 HOH 10 39 18 HOH HOH A . 
H 4 HOH 11 40 20 HOH HOH A . 
H 4 HOH 12 41 21 HOH HOH A . 
H 4 HOH 13 42 26 HOH HOH A . 
H 4 HOH 14 43 27 HOH HOH A . 
H 4 HOH 15 44 31 HOH HOH A . 
H 4 HOH 16 45 33 HOH HOH A . 
H 4 HOH 17 46 34 HOH HOH A . 
H 4 HOH 18 47 36 HOH HOH A . 
H 4 HOH 19 48 37 HOH HOH A . 
H 4 HOH 20 49 38 HOH HOH A . 
H 4 HOH 21 50 39 HOH HOH A . 
H 4 HOH 22 51 43 HOH HOH A . 
H 4 HOH 23 52 46 HOH HOH A . 
H 4 HOH 24 53 48 HOH HOH A . 
H 4 HOH 25 54 49 HOH HOH A . 
H 4 HOH 26 55 52 HOH HOH A . 
H 4 HOH 27 56 53 HOH HOH A . 
H 4 HOH 28 57 54 HOH HOH A . 
H 4 HOH 29 58 56 HOH HOH A . 
H 4 HOH 30 59 57 HOH HOH A . 
H 4 HOH 31 60 59 HOH HOH A . 
H 4 HOH 32 61 60 HOH HOH A . 
H 4 HOH 33 62 61 HOH HOH A . 
H 4 HOH 34 63 62 HOH HOH A . 
H 4 HOH 35 64 64 HOH HOH A . 
H 4 HOH 36 65 66 HOH HOH A . 
H 4 HOH 37 66 68 HOH HOH A . 
I 4 HOH 1  26 2  HOH HOH B . 
I 4 HOH 2  27 5  HOH HOH B . 
I 4 HOH 3  28 6  HOH HOH B . 
I 4 HOH 4  29 7  HOH HOH B . 
I 4 HOH 5  30 8  HOH HOH B . 
I 4 HOH 6  31 9  HOH HOH B . 
I 4 HOH 7  32 14 HOH HOH B . 
I 4 HOH 8  33 16 HOH HOH B . 
I 4 HOH 9  34 19 HOH HOH B . 
I 4 HOH 10 35 22 HOH HOH B . 
I 4 HOH 11 36 23 HOH HOH B . 
I 4 HOH 12 37 24 HOH HOH B . 
I 4 HOH 13 38 25 HOH HOH B . 
I 4 HOH 14 39 28 HOH HOH B . 
I 4 HOH 15 40 29 HOH HOH B . 
I 4 HOH 16 41 30 HOH HOH B . 
I 4 HOH 17 42 32 HOH HOH B . 
I 4 HOH 18 43 35 HOH HOH B . 
I 4 HOH 19 44 40 HOH HOH B . 
I 4 HOH 20 45 41 HOH HOH B . 
I 4 HOH 21 46 42 HOH HOH B . 
I 4 HOH 22 47 44 HOH HOH B . 
I 4 HOH 23 48 47 HOH HOH B . 
I 4 HOH 24 49 50 HOH HOH B . 
I 4 HOH 25 50 51 HOH HOH B . 
I 4 HOH 26 51 55 HOH HOH B . 
I 4 HOH 27 52 58 HOH HOH B . 
I 4 HOH 28 53 63 HOH HOH B . 
I 4 HOH 29 54 65 HOH HOH B . 
I 4 HOH 30 55 67 HOH HOH B . 
I 4 HOH 31 56 69 HOH HOH B . 
I 4 HOH 32 57 70 HOH HOH B . 
I 4 HOH 33 58 71 HOH HOH B . 
I 4 HOH 34 59 72 HOH HOH B . 
# 
_pdbx_struct_assembly.id                   1 
_pdbx_struct_assembly.details              author_and_software_defined_assembly 
_pdbx_struct_assembly.method_details       PISA 
_pdbx_struct_assembly.oligomeric_details   dimeric 
_pdbx_struct_assembly.oligomeric_count     2 
# 
_pdbx_struct_assembly_gen.assembly_id       1 
_pdbx_struct_assembly_gen.oper_expression   1 
_pdbx_struct_assembly_gen.asym_id_list      A,B,C,D,E,F,G,H,I 
# 
loop_
_pdbx_struct_assembly_prop.biol_id 
_pdbx_struct_assembly_prop.type 
_pdbx_struct_assembly_prop.value 
_pdbx_struct_assembly_prop.details 
1 'ABSA (A^2)' 1780 ? 
1 MORE         6.6  ? 
1 'SSA (A^2)'  4150 ? 
# 
_pdbx_struct_oper_list.id                   1 
_pdbx_struct_oper_list.type                 'identity operation' 
_pdbx_struct_oper_list.name                 1_555 
_pdbx_struct_oper_list.symmetry_operation   x,y,z 
_pdbx_struct_oper_list.matrix[1][1]         1.0000000000 
_pdbx_struct_oper_list.matrix[1][2]         0.0000000000 
_pdbx_struct_oper_list.matrix[1][3]         0.0000000000 
_pdbx_struct_oper_list.vector[1]            0.0000000000 
_pdbx_struct_oper_list.matrix[2][1]         0.0000000000 
_pdbx_struct_oper_list.matrix[2][2]         1.0000000000 
_pdbx_struct_oper_list.matrix[2][3]         0.0000000000 
_pdbx_struct_oper_list.vector[2]            0.0000000000 
_pdbx_struct_oper_list.matrix[3][1]         0.0000000000 
_pdbx_struct_oper_list.matrix[3][2]         0.0000000000 
_pdbx_struct_oper_list.matrix[3][3]         1.0000000000 
_pdbx_struct_oper_list.vector[3]            0.0000000000 
# 
loop_
_pdbx_struct_conn_angle.id 
_pdbx_struct_conn_angle.ptnr1_label_atom_id 
_pdbx_struct_conn_angle.ptnr1_label_alt_id 
_pdbx_struct_conn_angle.ptnr1_label_asym_id 
_pdbx_struct_conn_angle.ptnr1_label_comp_id 
_pdbx_struct_conn_angle.ptnr1_label_seq_id 
_pdbx_struct_conn_angle.ptnr1_auth_atom_id 
_pdbx_struct_conn_angle.ptnr1_auth_asym_id 
_pdbx_struct_conn_angle.ptnr1_auth_comp_id 
_pdbx_struct_conn_angle.ptnr1_auth_seq_id 
_pdbx_struct_conn_angle.ptnr1_PDB_ins_code 
_pdbx_struct_conn_angle.ptnr1_symmetry 
_pdbx_struct_conn_angle.ptnr2_label_atom_id 
_pdbx_struct_conn_angle.ptnr2_label_alt_id 
_pdbx_struct_conn_angle.ptnr2_label_asym_id 
_pdbx_struct_conn_angle.ptnr2_label_comp_id 
_pdbx_struct_conn_angle.ptnr2_label_seq_id 
_pdbx_struct_conn_angle.ptnr2_auth_atom_id 
_pdbx_struct_conn_angle.ptnr2_auth_asym_id 
_pdbx_struct_conn_angle.ptnr2_auth_comp_id 
_pdbx_struct_conn_angle.ptnr2_auth_seq_id 
_pdbx_struct_conn_angle.ptnr2_PDB_ins_code 
_pdbx_struct_conn_angle.ptnr2_symmetry 
_pdbx_struct_conn_angle.ptnr3_label_atom_id 
_pdbx_struct_conn_angle.ptnr3_label_alt_id 
_pdbx_struct_conn_angle.ptnr3_label_asym_id 
_pdbx_struct_conn_angle.ptnr3_label_comp_id 
_pdbx_struct_conn_angle.ptnr3_label_seq_id 
_pdbx_struct_conn_angle.ptnr3_auth_atom_id 
_pdbx_struct_conn_angle.ptnr3_auth_asym_id 
_pdbx_struct_conn_angle.ptnr3_auth_comp_id 
_pdbx_struct_conn_angle.ptnr3_auth_seq_id 
_pdbx_struct_conn_angle.ptnr3_PDB_ins_code 
_pdbx_struct_conn_angle.ptnr3_symmetry 
_pdbx_struct_conn_angle.value 
_pdbx_struct_conn_angle.value_esd 
1  O6 ? A DG 1  ? A DG 1  ? 1_555 K ? C K . ? A K 26 ? 1_555 O6 ? A DG  2  ? A DG  2  ? 1_555 69.5  ? 
2  O6 ? A DG 1  ? A DG 1  ? 1_555 K ? C K . ? A K 26 ? 1_555 O6 ? A DG  11 ? A DG  11 ? 1_555 169.1 ? 
3  O6 ? A DG 2  ? A DG 2  ? 1_555 K ? C K . ? A K 26 ? 1_555 O6 ? A DG  11 ? A DG  11 ? 1_555 107.2 ? 
4  O6 ? A DG 1  ? A DG 1  ? 1_555 K ? C K . ? A K 26 ? 1_555 O6 ? A DG  12 ? A DG  12 ? 1_555 111.0 ? 
5  O6 ? A DG 2  ? A DG 2  ? 1_555 K ? C K . ? A K 26 ? 1_555 O6 ? A DG  12 ? A DG  12 ? 1_555 175.1 ? 
6  O6 ? A DG 11 ? A DG 11 ? 1_555 K ? C K . ? A K 26 ? 1_555 O6 ? A DG  12 ? A DG  12 ? 1_555 73.2  ? 
7  O6 ? A DG 1  ? A DG 1  ? 1_555 K ? C K . ? A K 26 ? 1_555 O6 ? B DG  3  ? B DG  15 ? 1_555 105.0 ? 
8  O6 ? A DG 2  ? A DG 2  ? 1_555 K ? C K . ? A K 26 ? 1_555 O6 ? B DG  3  ? B DG  15 ? 1_555 70.7  ? 
9  O6 ? A DG 11 ? A DG 11 ? 1_555 K ? C K . ? A K 26 ? 1_555 O6 ? B DG  3  ? B DG  15 ? 1_555 64.4  ? 
10 O6 ? A DG 12 ? A DG 12 ? 1_555 K ? C K . ? A K 26 ? 1_555 O6 ? B DG  3  ? B DG  15 ? 1_555 113.5 ? 
11 O6 ? A DG 1  ? A DG 1  ? 1_555 K ? C K . ? A K 26 ? 1_555 O6 ? B DG  4  ? B DG  16 ? 1_555 71.9  ? 
12 O6 ? A DG 2  ? A DG 2  ? 1_555 K ? C K . ? A K 26 ? 1_555 O6 ? B DG  4  ? B DG  16 ? 1_555 113.9 ? 
13 O6 ? A DG 11 ? A DG 11 ? 1_555 K ? C K . ? A K 26 ? 1_555 O6 ? B DG  4  ? B DG  16 ? 1_555 101.0 ? 
14 O6 ? A DG 12 ? A DG 12 ? 1_555 K ? C K . ? A K 26 ? 1_555 O6 ? B DG  4  ? B DG  16 ? 1_555 70.6  ? 
15 O6 ? B DG 3  ? B DG 15 ? 1_555 K ? C K . ? A K 26 ? 1_555 O6 ? B DG  4  ? B DG  16 ? 1_555 70.3  ? 
16 O6 ? A DG 1  ? A DG 1  ? 1_555 K ? C K . ? A K 26 ? 1_555 O6 ? B DG  9  ? B DG  21 ? 1_555 71.6  ? 
17 O6 ? A DG 2  ? A DG 2  ? 1_555 K ? C K . ? A K 26 ? 1_555 O6 ? B DG  9  ? B DG  21 ? 1_555 106.4 ? 
18 O6 ? A DG 11 ? A DG 11 ? 1_555 K ? C K . ? A K 26 ? 1_555 O6 ? B DG  9  ? B DG  21 ? 1_555 119.1 ? 
19 O6 ? A DG 12 ? A DG 12 ? 1_555 K ? C K . ? A K 26 ? 1_555 O6 ? B DG  9  ? B DG  21 ? 1_555 69.6  ? 
20 O6 ? B DG 3  ? B DG 15 ? 1_555 K ? C K . ? A K 26 ? 1_555 O6 ? B DG  9  ? B DG  21 ? 1_555 176.3 ? 
21 O6 ? B DG 4  ? B DG 16 ? 1_555 K ? C K . ? A K 26 ? 1_555 O6 ? B DG  9  ? B DG  21 ? 1_555 109.5 ? 
22 O6 ? A DG 1  ? A DG 1  ? 1_555 K ? C K . ? A K 26 ? 1_555 O6 ? B DG  10 ? B DG  22 ? 1_555 116.5 ? 
23 O6 ? A DG 2  ? A DG 2  ? 1_555 K ? C K . ? A K 26 ? 1_555 O6 ? B DG  10 ? B DG  22 ? 1_555 71.1  ? 
24 O6 ? A DG 11 ? A DG 11 ? 1_555 K ? C K . ? A K 26 ? 1_555 O6 ? B DG  10 ? B DG  22 ? 1_555 70.7  ? 
25 O6 ? A DG 12 ? A DG 12 ? 1_555 K ? C K . ? A K 26 ? 1_555 O6 ? B DG  10 ? B DG  22 ? 1_555 104.8 ? 
26 O6 ? B DG 3  ? B DG 15 ? 1_555 K ? C K . ? A K 26 ? 1_555 O6 ? B DG  10 ? B DG  22 ? 1_555 106.3 ? 
27 O6 ? B DG 4  ? B DG 16 ? 1_555 K ? C K . ? A K 26 ? 1_555 O6 ? B DG  10 ? B DG  22 ? 1_555 171.6 ? 
28 O6 ? B DG 9  ? B DG 21 ? 1_555 K ? C K . ? A K 26 ? 1_555 O6 ? B DG  10 ? B DG  22 ? 1_555 74.4  ? 
29 O6 ? A DG 1  ? A DG 1  ? 1_555 K ? G K . ? B K 25 ? 1_555 O6 ? A DG  12 ? A DG  12 ? 1_555 101.0 ? 
30 O6 ? A DG 1  ? A DG 1  ? 1_555 K ? G K . ? B K 25 ? 1_555 O6 ? B DG  4  ? B DG  16 ? 1_555 66.6  ? 
31 O6 ? A DG 12 ? A DG 12 ? 1_555 K ? G K . ? B K 25 ? 1_555 O6 ? B DG  4  ? B DG  16 ? 1_555 68.2  ? 
32 O6 ? A DG 1  ? A DG 1  ? 1_555 K ? G K . ? B K 25 ? 1_555 O2 ? B DT  5  ? B DT  17 ? 1_555 96.4  ? 
33 O6 ? A DG 12 ? A DG 12 ? 1_555 K ? G K . ? B K 25 ? 1_555 O2 ? B DT  5  ? B DT  17 ? 1_555 126.7 ? 
34 O6 ? B DG 4  ? B DG 16 ? 1_555 K ? G K . ? B K 25 ? 1_555 O2 ? B DT  5  ? B DT  17 ? 1_555 73.7  ? 
35 O6 ? A DG 1  ? A DG 1  ? 1_555 K ? G K . ? B K 25 ? 1_555 O2 ? B DT  7  ? B DT  19 ? 1_555 77.4  ? 
36 O6 ? A DG 12 ? A DG 12 ? 1_555 K ? G K . ? B K 25 ? 1_555 O2 ? B DT  7  ? B DT  19 ? 1_555 156.2 ? 
37 O6 ? B DG 4  ? B DG 16 ? 1_555 K ? G K . ? B K 25 ? 1_555 O2 ? B DT  7  ? B DT  19 ? 1_555 129.7 ? 
38 O2 ? B DT 5  ? B DT 17 ? 1_555 K ? G K . ? B K 25 ? 1_555 O2 ? B DT  7  ? B DT  19 ? 1_555 76.8  ? 
39 O6 ? A DG 1  ? A DG 1  ? 1_555 K ? G K . ? B K 25 ? 1_555 O6 ? B DG  9  ? B DG  21 ? 1_555 65.8  ? 
40 O6 ? A DG 12 ? A DG 12 ? 1_555 K ? G K . ? B K 25 ? 1_555 O6 ? B DG  9  ? B DG  21 ? 1_555 66.8  ? 
41 O6 ? B DG 4  ? B DG 16 ? 1_555 K ? G K . ? B K 25 ? 1_555 O6 ? B DG  9  ? B DG  21 ? 1_555 103.6 ? 
42 O2 ? B DT 5  ? B DT 17 ? 1_555 K ? G K . ? B K 25 ? 1_555 O6 ? B DG  9  ? B DG  21 ? 1_555 160.8 ? 
43 O2 ? B DT 7  ? B DT 19 ? 1_555 K ? G K . ? B K 25 ? 1_555 O6 ? B DG  9  ? B DG  21 ? 1_555 91.6  ? 
44 O6 ? A DG 1  ? A DG 1  ? 1_555 K ? G K . ? B K 25 ? 1_555 O  ? I HOH .  ? B HOH 40 ? 1_555 142.1 ? 
45 O6 ? A DG 12 ? A DG 12 ? 1_555 K ? G K . ? B K 25 ? 1_555 O  ? I HOH .  ? B HOH 40 ? 1_555 96.7  ? 
46 O6 ? B DG 4  ? B DG 16 ? 1_555 K ? G K . ? B K 25 ? 1_555 O  ? I HOH .  ? B HOH 40 ? 1_555 151.2 ? 
47 O2 ? B DT 5  ? B DT 17 ? 1_555 K ? G K . ? B K 25 ? 1_555 O  ? I HOH .  ? B HOH 40 ? 1_555 99.5  ? 
48 O2 ? B DT 7  ? B DT 19 ? 1_555 K ? G K . ? B K 25 ? 1_555 O  ? I HOH .  ? B HOH 40 ? 1_555 73.1  ? 
49 O6 ? B DG 9  ? B DG 21 ? 1_555 K ? G K . ? B K 25 ? 1_555 O  ? I HOH .  ? B HOH 40 ? 1_555 91.5  ? 
50 O6 ? A DG 2  ? A DG 2  ? 1_555 K ? D K . ? A K 27 ? 1_555 O6 ? A DG  3  ? A DG  3  ? 1_555 92.5  ? 
51 O6 ? A DG 2  ? A DG 2  ? 1_555 K ? D K . ? A K 27 ? 1_555 O6 ? A DG  10 ? A DG  10 ? 1_555 127.9 ? 
52 O6 ? A DG 3  ? A DG 3  ? 1_555 K ? D K . ? A K 27 ? 1_555 O6 ? A DG  10 ? A DG  10 ? 1_555 108.7 ? 
53 O6 ? A DG 2  ? A DG 2  ? 1_555 K ? D K . ? A K 27 ? 1_555 O6 ? A DG  11 ? A DG  11 ? 1_555 107.8 ? 
54 O6 ? A DG 3  ? A DG 3  ? 1_555 K ? D K . ? A K 27 ? 1_555 O6 ? A DG  11 ? A DG  11 ? 1_555 131.2 ? 
55 O6 ? A DG 10 ? A DG 10 ? 1_555 K ? D K . ? A K 27 ? 1_555 O6 ? A DG  11 ? A DG  11 ? 1_555 93.2  ? 
56 O6 ? A DG 2  ? A DG 2  ? 1_555 K ? D K . ? A K 27 ? 1_555 O6 ? B DG  2  ? B DG  14 ? 1_555 160.2 ? 
57 O6 ? A DG 3  ? A DG 3  ? 1_555 K ? D K . ? A K 27 ? 1_555 O6 ? B DG  2  ? B DG  14 ? 1_555 72.2  ? 
58 O6 ? A DG 10 ? A DG 10 ? 1_555 K ? D K . ? A K 27 ? 1_555 O6 ? B DG  2  ? B DG  14 ? 1_555 70.4  ? 
59 O6 ? A DG 11 ? A DG 11 ? 1_555 K ? D K . ? A K 27 ? 1_555 O6 ? B DG  2  ? B DG  14 ? 1_555 75.4  ? 
60 O6 ? A DG 2  ? A DG 2  ? 1_555 K ? D K . ? A K 27 ? 1_555 O6 ? B DG  3  ? B DG  15 ? 1_555 72.7  ? 
61 O6 ? A DG 3  ? A DG 3  ? 1_555 K ? D K . ? A K 27 ? 1_555 O6 ? B DG  3  ? B DG  15 ? 1_555 78.5  ? 
62 O6 ? A DG 10 ? A DG 10 ? 1_555 K ? D K . ? A K 27 ? 1_555 O6 ? B DG  3  ? B DG  15 ? 1_555 156.4 ? 
63 O6 ? A DG 11 ? A DG 11 ? 1_555 K ? D K . ? A K 27 ? 1_555 O6 ? B DG  3  ? B DG  15 ? 1_555 66.9  ? 
64 O6 ? B DG 2  ? B DG 14 ? 1_555 K ? D K . ? A K 27 ? 1_555 O6 ? B DG  3  ? B DG  15 ? 1_555 91.5  ? 
65 O6 ? A DG 2  ? A DG 2  ? 1_555 K ? D K . ? A K 27 ? 1_555 O6 ? B DG  10 ? B DG  22 ? 1_555 70.1  ? 
66 O6 ? A DG 3  ? A DG 3  ? 1_555 K ? D K . ? A K 27 ? 1_555 O6 ? B DG  10 ? B DG  22 ? 1_555 156.7 ? 
67 O6 ? A DG 10 ? A DG 10 ? 1_555 K ? D K . ? A K 27 ? 1_555 O6 ? B DG  10 ? B DG  22 ? 1_555 73.3  ? 
68 O6 ? A DG 11 ? A DG 11 ? 1_555 K ? D K . ? A K 27 ? 1_555 O6 ? B DG  10 ? B DG  22 ? 1_555 70.6  ? 
69 O6 ? B DG 2  ? B DG 14 ? 1_555 K ? D K . ? A K 27 ? 1_555 O6 ? B DG  10 ? B DG  22 ? 1_555 127.9 ? 
70 O6 ? B DG 3  ? B DG 15 ? 1_555 K ? D K . ? A K 27 ? 1_555 O6 ? B DG  10 ? B DG  22 ? 1_555 109.2 ? 
71 O6 ? A DG 2  ? A DG 2  ? 1_555 K ? D K . ? A K 27 ? 1_555 O6 ? B DG  11 ? B DG  23 ? 1_555 76.5  ? 
72 O6 ? A DG 3  ? A DG 3  ? 1_555 K ? D K . ? A K 27 ? 1_555 O6 ? B DG  11 ? B DG  23 ? 1_555 69.0  ? 
73 O6 ? A DG 10 ? A DG 10 ? 1_555 K ? D K . ? A K 27 ? 1_555 O6 ? B DG  11 ? B DG  23 ? 1_555 68.5  ? 
74 O6 ? A DG 11 ? A DG 11 ? 1_555 K ? D K . ? A K 27 ? 1_555 O6 ? B DG  11 ? B DG  23 ? 1_555 157.7 ? 
75 O6 ? B DG 2  ? B DG 14 ? 1_555 K ? D K . ? A K 27 ? 1_555 O6 ? B DG  11 ? B DG  23 ? 1_555 108.2 ? 
76 O6 ? B DG 3  ? B DG 15 ? 1_555 K ? D K . ? A K 27 ? 1_555 O6 ? B DG  11 ? B DG  23 ? 1_555 133.6 ? 
77 O6 ? B DG 10 ? B DG 22 ? 1_555 K ? D K . ? A K 27 ? 1_555 O6 ? B DG  11 ? B DG  23 ? 1_555 91.3  ? 
78 O6 ? A DG 4  ? A DG 4  ? 1_555 K ? E K . ? A K 28 ? 1_555 O6 ? A DG  9  ? A DG  9  ? 1_555 122.7 ? 
79 O6 ? A DG 4  ? A DG 4  ? 1_555 K ? E K . ? A K 28 ? 1_555 O6 ? B DG  1  ? B DG  13 ? 1_555 76.0  ? 
80 O6 ? A DG 9  ? A DG 9  ? 1_555 K ? E K . ? A K 28 ? 1_555 O6 ? B DG  1  ? B DG  13 ? 1_555 77.1  ? 
81 O6 ? A DG 4  ? A DG 4  ? 1_555 K ? E K . ? A K 28 ? 1_555 O6 ? B DG  2  ? B DG  14 ? 1_555 114.5 ? 
82 O6 ? A DG 9  ? A DG 9  ? 1_555 K ? E K . ? A K 28 ? 1_555 O6 ? B DG  2  ? B DG  14 ? 1_555 102.4 ? 
83 O6 ? B DG 1  ? B DG 13 ? 1_555 K ? E K . ? A K 28 ? 1_555 O6 ? B DG  2  ? B DG  14 ? 1_555 70.5  ? 
84 O6 ? A DG 4  ? A DG 4  ? 1_555 K ? E K . ? A K 28 ? 1_555 O6 ? B DG  12 ? B DG  24 ? 1_555 76.3  ? 
85 O6 ? A DG 9  ? A DG 9  ? 1_555 K ? E K . ? A K 28 ? 1_555 O6 ? B DG  12 ? B DG  24 ? 1_555 75.4  ? 
86 O6 ? B DG 1  ? B DG 13 ? 1_555 K ? E K . ? A K 28 ? 1_555 O6 ? B DG  12 ? B DG  24 ? 1_555 120.3 ? 
87 O6 ? B DG 2  ? B DG 14 ? 1_555 K ? E K . ? A K 28 ? 1_555 O6 ? B DG  12 ? B DG  24 ? 1_555 167.3 ? 
# 
loop_
_pdbx_audit_revision_history.ordinal 
_pdbx_audit_revision_history.data_content_type 
_pdbx_audit_revision_history.major_revision 
_pdbx_audit_revision_history.minor_revision 
_pdbx_audit_revision_history.revision_date 
1 'Structure model' 1 0 2008-10-14 
2 'Structure model' 1 1 2011-07-13 
3 'Structure model' 1 2 2023-09-06 
# 
_pdbx_audit_revision_details.ordinal             1 
_pdbx_audit_revision_details.revision_ordinal    1 
_pdbx_audit_revision_details.data_content_type   'Structure model' 
_pdbx_audit_revision_details.provider            repository 
_pdbx_audit_revision_details.type                'Initial release' 
_pdbx_audit_revision_details.description         ? 
_pdbx_audit_revision_details.details             ? 
# 
loop_
_pdbx_audit_revision_group.ordinal 
_pdbx_audit_revision_group.revision_ordinal 
_pdbx_audit_revision_group.data_content_type 
_pdbx_audit_revision_group.group 
1 2 'Structure model' 'Version format compliance' 
2 3 'Structure model' 'Data collection'           
3 3 'Structure model' 'Database references'       
4 3 'Structure model' 'Derived calculations'      
5 3 'Structure model' 'Refinement description'    
# 
loop_
_pdbx_audit_revision_category.ordinal 
_pdbx_audit_revision_category.revision_ordinal 
_pdbx_audit_revision_category.data_content_type 
_pdbx_audit_revision_category.category 
1 3 'Structure model' chem_comp_atom                
2 3 'Structure model' chem_comp_bond                
3 3 'Structure model' database_2                    
4 3 'Structure model' pdbx_initial_refinement_model 
5 3 'Structure model' pdbx_struct_conn_angle        
6 3 'Structure model' struct_conn                   
7 3 'Structure model' struct_site                   
# 
loop_
_pdbx_audit_revision_item.ordinal 
_pdbx_audit_revision_item.revision_ordinal 
_pdbx_audit_revision_item.data_content_type 
_pdbx_audit_revision_item.item 
1  3 'Structure model' '_database_2.pdbx_DOI'                        
2  3 'Structure model' '_database_2.pdbx_database_accession'         
3  3 'Structure model' '_pdbx_struct_conn_angle.ptnr1_auth_asym_id'  
4  3 'Structure model' '_pdbx_struct_conn_angle.ptnr1_auth_comp_id'  
5  3 'Structure model' '_pdbx_struct_conn_angle.ptnr1_auth_seq_id'   
6  3 'Structure model' '_pdbx_struct_conn_angle.ptnr1_label_asym_id' 
7  3 'Structure model' '_pdbx_struct_conn_angle.ptnr1_label_atom_id' 
8  3 'Structure model' '_pdbx_struct_conn_angle.ptnr1_label_comp_id' 
9  3 'Structure model' '_pdbx_struct_conn_angle.ptnr1_label_seq_id'  
10 3 'Structure model' '_pdbx_struct_conn_angle.ptnr2_auth_asym_id'  
11 3 'Structure model' '_pdbx_struct_conn_angle.ptnr2_auth_seq_id'   
12 3 'Structure model' '_pdbx_struct_conn_angle.ptnr2_label_asym_id' 
13 3 'Structure model' '_pdbx_struct_conn_angle.ptnr3_auth_asym_id'  
14 3 'Structure model' '_pdbx_struct_conn_angle.ptnr3_auth_comp_id'  
15 3 'Structure model' '_pdbx_struct_conn_angle.ptnr3_auth_seq_id'   
16 3 'Structure model' '_pdbx_struct_conn_angle.ptnr3_label_asym_id' 
17 3 'Structure model' '_pdbx_struct_conn_angle.ptnr3_label_atom_id' 
18 3 'Structure model' '_pdbx_struct_conn_angle.ptnr3_label_comp_id' 
19 3 'Structure model' '_pdbx_struct_conn_angle.ptnr3_label_seq_id'  
20 3 'Structure model' '_pdbx_struct_conn_angle.value'               
21 3 'Structure model' '_struct_conn.pdbx_dist_value'                
22 3 'Structure model' '_struct_conn.ptnr1_auth_asym_id'             
23 3 'Structure model' '_struct_conn.ptnr1_auth_comp_id'             
24 3 'Structure model' '_struct_conn.ptnr1_auth_seq_id'              
25 3 'Structure model' '_struct_conn.ptnr1_label_asym_id'            
26 3 'Structure model' '_struct_conn.ptnr1_label_atom_id'            
27 3 'Structure model' '_struct_conn.ptnr1_label_comp_id'            
28 3 'Structure model' '_struct_conn.ptnr1_label_seq_id'             
29 3 'Structure model' '_struct_conn.ptnr2_auth_asym_id'             
30 3 'Structure model' '_struct_conn.ptnr2_auth_comp_id'             
31 3 'Structure model' '_struct_conn.ptnr2_auth_seq_id'              
32 3 'Structure model' '_struct_conn.ptnr2_label_asym_id'            
33 3 'Structure model' '_struct_conn.ptnr2_label_atom_id'            
34 3 'Structure model' '_struct_conn.ptnr2_label_comp_id'            
35 3 'Structure model' '_struct_conn.ptnr2_label_seq_id'             
36 3 'Structure model' '_struct_site.pdbx_auth_asym_id'              
37 3 'Structure model' '_struct_site.pdbx_auth_comp_id'              
38 3 'Structure model' '_struct_site.pdbx_auth_seq_id'               
# 
loop_
_software.name 
_software.classification 
_software.version 
_software.citation_id 
_software.pdbx_ordinal 
CrystalClear 'data collection' .        ? 1 
PHASER       phasing           .        ? 2 
REFMAC       refinement        5.2.0019 ? 3 
d*TREK       'data reduction'  .        ? 4 
d*TREK       'data scaling'    .        ? 5 
# 
_pdbx_validate_rmsd_bond.id                        1 
_pdbx_validate_rmsd_bond.PDB_model_num             1 
_pdbx_validate_rmsd_bond.auth_atom_id_1            "O3'" 
_pdbx_validate_rmsd_bond.auth_asym_id_1            A 
_pdbx_validate_rmsd_bond.auth_comp_id_1            DG 
_pdbx_validate_rmsd_bond.auth_seq_id_1             2 
_pdbx_validate_rmsd_bond.PDB_ins_code_1            ? 
_pdbx_validate_rmsd_bond.label_alt_id_1            ? 
_pdbx_validate_rmsd_bond.auth_atom_id_2            "C3'" 
_pdbx_validate_rmsd_bond.auth_asym_id_2            A 
_pdbx_validate_rmsd_bond.auth_comp_id_2            DG 
_pdbx_validate_rmsd_bond.auth_seq_id_2             2 
_pdbx_validate_rmsd_bond.PDB_ins_code_2            ? 
_pdbx_validate_rmsd_bond.label_alt_id_2            ? 
_pdbx_validate_rmsd_bond.bond_value                1.380 
_pdbx_validate_rmsd_bond.bond_target_value         1.419 
_pdbx_validate_rmsd_bond.bond_deviation            -0.039 
_pdbx_validate_rmsd_bond.bond_standard_deviation   0.006 
_pdbx_validate_rmsd_bond.linker_flag               N 
# 
loop_
_pdbx_validate_rmsd_angle.id 
_pdbx_validate_rmsd_angle.PDB_model_num 
_pdbx_validate_rmsd_angle.auth_atom_id_1 
_pdbx_validate_rmsd_angle.auth_asym_id_1 
_pdbx_validate_rmsd_angle.auth_comp_id_1 
_pdbx_validate_rmsd_angle.auth_seq_id_1 
_pdbx_validate_rmsd_angle.PDB_ins_code_1 
_pdbx_validate_rmsd_angle.label_alt_id_1 
_pdbx_validate_rmsd_angle.auth_atom_id_2 
_pdbx_validate_rmsd_angle.auth_asym_id_2 
_pdbx_validate_rmsd_angle.auth_comp_id_2 
_pdbx_validate_rmsd_angle.auth_seq_id_2 
_pdbx_validate_rmsd_angle.PDB_ins_code_2 
_pdbx_validate_rmsd_angle.label_alt_id_2 
_pdbx_validate_rmsd_angle.auth_atom_id_3 
_pdbx_validate_rmsd_angle.auth_asym_id_3 
_pdbx_validate_rmsd_angle.auth_comp_id_3 
_pdbx_validate_rmsd_angle.auth_seq_id_3 
_pdbx_validate_rmsd_angle.PDB_ins_code_3 
_pdbx_validate_rmsd_angle.label_alt_id_3 
_pdbx_validate_rmsd_angle.angle_value 
_pdbx_validate_rmsd_angle.angle_target_value 
_pdbx_validate_rmsd_angle.angle_deviation 
_pdbx_validate_rmsd_angle.angle_standard_deviation 
_pdbx_validate_rmsd_angle.linker_flag 
1  1 C2    A DG 1  ? ? N3    A DG 1  ? ? C4    A DG 1  ? ? 115.08 111.90 3.18  0.50 N 
2  1 C5    A DG 1  ? ? C6    A DG 1  ? ? N1    A DG 1  ? ? 115.05 111.50 3.55  0.50 N 
3  1 "O4'" A DG 2  ? ? "C1'" A DG 2  ? ? N9    A DG 2  ? ? 110.48 108.30 2.18  0.30 N 
4  1 C5    A DG 4  ? ? C6    A DG 4  ? ? O6    A DG 4  ? ? 124.90 128.60 -3.70 0.60 N 
5  1 "O4'" A DT 7  ? ? "C1'" A DT 7  ? ? N1    A DT 7  ? ? 111.78 108.30 3.48  0.30 N 
6  1 "O4'" A DG 11 ? ? "C1'" A DG 11 ? ? N9    A DG 11 ? ? 103.43 108.00 -4.57 0.70 N 
7  1 "O4'" B DG 13 ? ? "C1'" B DG 13 ? ? N9    B DG 13 ? ? 113.88 108.30 5.58  0.30 N 
8  1 "O4'" B DG 16 ? ? "C1'" B DG 16 ? ? N9    B DG 16 ? ? 111.63 108.30 3.33  0.30 N 
9  1 "O4'" B DT 17 ? ? "C4'" B DT 17 ? ? "C3'" B DT 17 ? ? 101.39 104.50 -3.11 0.40 N 
10 1 "O4'" B DT 17 ? ? "C1'" B DT 17 ? ? N1    B DT 17 ? ? 110.19 108.30 1.89  0.30 N 
11 1 "O4'" B DG 21 ? ? "C1'" B DG 21 ? ? N9    B DG 21 ? ? 110.18 108.30 1.88  0.30 N 
12 1 "O4'" B DG 23 ? ? "C1'" B DG 23 ? ? N9    B DG 23 ? ? 110.85 108.30 2.55  0.30 N 
13 1 C5    B DG 23 ? ? C6    B DG 23 ? ? N1    B DG 23 ? ? 114.90 111.50 3.40  0.50 N 
# 
loop_
_chem_comp_atom.comp_id 
_chem_comp_atom.atom_id 
_chem_comp_atom.type_symbol 
_chem_comp_atom.pdbx_aromatic_flag 
_chem_comp_atom.pdbx_stereo_config 
_chem_comp_atom.pdbx_ordinal 
DG  OP3    O N N 1   
DG  P      P N N 2   
DG  OP1    O N N 3   
DG  OP2    O N N 4   
DG  "O5'"  O N N 5   
DG  "C5'"  C N N 6   
DG  "C4'"  C N R 7   
DG  "O4'"  O N N 8   
DG  "C3'"  C N S 9   
DG  "O3'"  O N N 10  
DG  "C2'"  C N N 11  
DG  "C1'"  C N R 12  
DG  N9     N Y N 13  
DG  C8     C Y N 14  
DG  N7     N Y N 15  
DG  C5     C Y N 16  
DG  C6     C N N 17  
DG  O6     O N N 18  
DG  N1     N N N 19  
DG  C2     C N N 20  
DG  N2     N N N 21  
DG  N3     N N N 22  
DG  C4     C Y N 23  
DG  HOP3   H N N 24  
DG  HOP2   H N N 25  
DG  "H5'"  H N N 26  
DG  "H5''" H N N 27  
DG  "H4'"  H N N 28  
DG  "H3'"  H N N 29  
DG  "HO3'" H N N 30  
DG  "H2'"  H N N 31  
DG  "H2''" H N N 32  
DG  "H1'"  H N N 33  
DG  H8     H N N 34  
DG  H1     H N N 35  
DG  H21    H N N 36  
DG  H22    H N N 37  
DT  OP3    O N N 38  
DT  P      P N N 39  
DT  OP1    O N N 40  
DT  OP2    O N N 41  
DT  "O5'"  O N N 42  
DT  "C5'"  C N N 43  
DT  "C4'"  C N R 44  
DT  "O4'"  O N N 45  
DT  "C3'"  C N S 46  
DT  "O3'"  O N N 47  
DT  "C2'"  C N N 48  
DT  "C1'"  C N R 49  
DT  N1     N N N 50  
DT  C2     C N N 51  
DT  O2     O N N 52  
DT  N3     N N N 53  
DT  C4     C N N 54  
DT  O4     O N N 55  
DT  C5     C N N 56  
DT  C7     C N N 57  
DT  C6     C N N 58  
DT  HOP3   H N N 59  
DT  HOP2   H N N 60  
DT  "H5'"  H N N 61  
DT  "H5''" H N N 62  
DT  "H4'"  H N N 63  
DT  "H3'"  H N N 64  
DT  "HO3'" H N N 65  
DT  "H2'"  H N N 66  
DT  "H2''" H N N 67  
DT  "H1'"  H N N 68  
DT  H3     H N N 69  
DT  H71    H N N 70  
DT  H72    H N N 71  
DT  H73    H N N 72  
DT  H6     H N N 73  
HOH O      O N N 74  
HOH H1     H N N 75  
HOH H2     H N N 76  
K   K      K N N 77  
NCJ O39    O N N 78  
NCJ C9     C N N 79  
NCJ C10    C N N 80  
NCJ C13    C N N 81  
NCJ N16    N N N 82  
NCJ C18    C N R 83  
NCJ C20    C N N 84  
NCJ C27    C N N 85  
NCJ C30    C N N 86  
NCJ C33    C N N 87  
NCJ C36    C N N 88  
NCJ N7     N N N 89  
NCJ C6     C Y N 90  
NCJ C40    C Y N 91  
NCJ C42    C Y N 92  
NCJ C4     C Y N 93  
NCJ C3     C Y N 94  
NCJ N1     N Y N 95  
NCJ C44    C Y N 96  
NCJ C45    C Y N 97  
NCJ C2     C Y N 98  
NCJ C47    C Y N 99  
NCJ C49    C Y N 100 
NCJ C51    C Y N 101 
NCJ C85    C Y N 102 
NCJ C87    C Y N 103 
NCJ N52    N N N 104 
NCJ C54    C N N 105 
NCJ O84    O N N 106 
NCJ C55    C N N 107 
NCJ C58    C N N 108 
NCJ N61    N N N 109 
NCJ C63    C N R 110 
NCJ C77    C N N 111 
NCJ C66    C N N 112 
NCJ C69    C N N 113 
NCJ C72    C N N 114 
NCJ C75    C N N 115 
NCJ H10    H N N 116 
NCJ H10A   H N N 117 
NCJ H13    H N N 118 
NCJ H13A   H N N 119 
NCJ H18    H N N 120 
NCJ H20    H N N 121 
NCJ H20A   H N N 122 
NCJ H20B   H N N 123 
NCJ H27    H N N 124 
NCJ H27A   H N N 125 
NCJ H30    H N N 126 
NCJ H30A   H N N 127 
NCJ H33    H N N 128 
NCJ H33A   H N N 129 
NCJ H36    H N N 130 
NCJ H36A   H N N 131 
NCJ HN7    H N N 132 
NCJ H40    H N N 133 
NCJ H42    H N N 134 
NCJ H4     H N N 135 
NCJ H45    H N N 136 
NCJ H47    H N N 137 
NCJ H49    H N N 138 
NCJ H85    H N N 139 
NCJ HN52   H N N 140 
NCJ H55    H N N 141 
NCJ H55A   H N N 142 
NCJ H58    H N N 143 
NCJ H58A   H N N 144 
NCJ H63    H N N 145 
NCJ H77    H N N 146 
NCJ H77A   H N N 147 
NCJ H77B   H N N 148 
NCJ H66    H N N 149 
NCJ H66A   H N N 150 
NCJ H69    H N N 151 
NCJ H69A   H N N 152 
NCJ H72    H N N 153 
NCJ H72A   H N N 154 
NCJ H75    H N N 155 
NCJ H75A   H N N 156 
# 
loop_
_chem_comp_bond.comp_id 
_chem_comp_bond.atom_id_1 
_chem_comp_bond.atom_id_2 
_chem_comp_bond.value_order 
_chem_comp_bond.pdbx_aromatic_flag 
_chem_comp_bond.pdbx_stereo_config 
_chem_comp_bond.pdbx_ordinal 
DG  OP3   P      sing N N 1   
DG  OP3   HOP3   sing N N 2   
DG  P     OP1    doub N N 3   
DG  P     OP2    sing N N 4   
DG  P     "O5'"  sing N N 5   
DG  OP2   HOP2   sing N N 6   
DG  "O5'" "C5'"  sing N N 7   
DG  "C5'" "C4'"  sing N N 8   
DG  "C5'" "H5'"  sing N N 9   
DG  "C5'" "H5''" sing N N 10  
DG  "C4'" "O4'"  sing N N 11  
DG  "C4'" "C3'"  sing N N 12  
DG  "C4'" "H4'"  sing N N 13  
DG  "O4'" "C1'"  sing N N 14  
DG  "C3'" "O3'"  sing N N 15  
DG  "C3'" "C2'"  sing N N 16  
DG  "C3'" "H3'"  sing N N 17  
DG  "O3'" "HO3'" sing N N 18  
DG  "C2'" "C1'"  sing N N 19  
DG  "C2'" "H2'"  sing N N 20  
DG  "C2'" "H2''" sing N N 21  
DG  "C1'" N9     sing N N 22  
DG  "C1'" "H1'"  sing N N 23  
DG  N9    C8     sing Y N 24  
DG  N9    C4     sing Y N 25  
DG  C8    N7     doub Y N 26  
DG  C8    H8     sing N N 27  
DG  N7    C5     sing Y N 28  
DG  C5    C6     sing N N 29  
DG  C5    C4     doub Y N 30  
DG  C6    O6     doub N N 31  
DG  C6    N1     sing N N 32  
DG  N1    C2     sing N N 33  
DG  N1    H1     sing N N 34  
DG  C2    N2     sing N N 35  
DG  C2    N3     doub N N 36  
DG  N2    H21    sing N N 37  
DG  N2    H22    sing N N 38  
DG  N3    C4     sing N N 39  
DT  OP3   P      sing N N 40  
DT  OP3   HOP3   sing N N 41  
DT  P     OP1    doub N N 42  
DT  P     OP2    sing N N 43  
DT  P     "O5'"  sing N N 44  
DT  OP2   HOP2   sing N N 45  
DT  "O5'" "C5'"  sing N N 46  
DT  "C5'" "C4'"  sing N N 47  
DT  "C5'" "H5'"  sing N N 48  
DT  "C5'" "H5''" sing N N 49  
DT  "C4'" "O4'"  sing N N 50  
DT  "C4'" "C3'"  sing N N 51  
DT  "C4'" "H4'"  sing N N 52  
DT  "O4'" "C1'"  sing N N 53  
DT  "C3'" "O3'"  sing N N 54  
DT  "C3'" "C2'"  sing N N 55  
DT  "C3'" "H3'"  sing N N 56  
DT  "O3'" "HO3'" sing N N 57  
DT  "C2'" "C1'"  sing N N 58  
DT  "C2'" "H2'"  sing N N 59  
DT  "C2'" "H2''" sing N N 60  
DT  "C1'" N1     sing N N 61  
DT  "C1'" "H1'"  sing N N 62  
DT  N1    C2     sing N N 63  
DT  N1    C6     sing N N 64  
DT  C2    O2     doub N N 65  
DT  C2    N3     sing N N 66  
DT  N3    C4     sing N N 67  
DT  N3    H3     sing N N 68  
DT  C4    O4     doub N N 69  
DT  C4    C5     sing N N 70  
DT  C5    C7     sing N N 71  
DT  C5    C6     doub N N 72  
DT  C7    H71    sing N N 73  
DT  C7    H72    sing N N 74  
DT  C7    H73    sing N N 75  
DT  C6    H6     sing N N 76  
HOH O     H1     sing N N 77  
HOH O     H2     sing N N 78  
NCJ C9    O39    doub N N 79  
NCJ C10   C9     sing N N 80  
NCJ C9    N7     sing N N 81  
NCJ C13   C10    sing N N 82  
NCJ C10   H10    sing N N 83  
NCJ C10   H10A   sing N N 84  
NCJ N16   C13    sing N N 85  
NCJ C13   H13    sing N N 86  
NCJ C13   H13A   sing N N 87  
NCJ C18   N16    sing N N 88  
NCJ C36   N16    sing N N 89  
NCJ C27   C18    sing N N 90  
NCJ C18   C20    sing N N 91  
NCJ C18   H18    sing N N 92  
NCJ C20   H20    sing N N 93  
NCJ C20   H20A   sing N N 94  
NCJ C20   H20B   sing N N 95  
NCJ C30   C27    sing N N 96  
NCJ C27   H27    sing N N 97  
NCJ C27   H27A   sing N N 98  
NCJ C30   C33    sing N N 99  
NCJ C30   H30    sing N N 100 
NCJ C30   H30A   sing N N 101 
NCJ C33   C36    sing N N 102 
NCJ C33   H33    sing N N 103 
NCJ C33   H33A   sing N N 104 
NCJ C36   H36    sing N N 105 
NCJ C36   H36A   sing N N 106 
NCJ N7    C6     sing N N 107 
NCJ N7    HN7    sing N N 108 
NCJ C6    C4     doub Y N 109 
NCJ C6    C40    sing Y N 110 
NCJ C40   C42    doub Y N 111 
NCJ C40   H40    sing N N 112 
NCJ C42   C44    sing Y N 113 
NCJ C42   H42    sing N N 114 
NCJ C4    C3     sing Y N 115 
NCJ C4    H4     sing N N 116 
NCJ C3    N1     doub Y N 117 
NCJ C3    C44    sing Y N 118 
NCJ N1    C87    sing Y N 119 
NCJ C44   C45    doub Y N 120 
NCJ C45   C2     sing Y N 121 
NCJ C45   H45    sing N N 122 
NCJ C87   C2     sing Y N 123 
NCJ C2    C47    doub Y N 124 
NCJ C47   C49    sing Y N 125 
NCJ C47   H47    sing N N 126 
NCJ C51   C49    doub Y N 127 
NCJ C49   H49    sing N N 128 
NCJ C85   C51    sing Y N 129 
NCJ C51   N52    sing N N 130 
NCJ C87   C85    doub Y N 131 
NCJ C85   H85    sing N N 132 
NCJ C54   N52    sing N N 133 
NCJ N52   HN52   sing N N 134 
NCJ O84   C54    doub N N 135 
NCJ C54   C55    sing N N 136 
NCJ C58   C55    sing N N 137 
NCJ C55   H55    sing N N 138 
NCJ C55   H55A   sing N N 139 
NCJ C58   N61    sing N N 140 
NCJ C58   H58    sing N N 141 
NCJ C58   H58A   sing N N 142 
NCJ C63   N61    sing N N 143 
NCJ N61   C75    sing N N 144 
NCJ C77   C63    sing N N 145 
NCJ C63   C66    sing N N 146 
NCJ C63   H63    sing N N 147 
NCJ C77   H77    sing N N 148 
NCJ C77   H77A   sing N N 149 
NCJ C77   H77B   sing N N 150 
NCJ C66   C69    sing N N 151 
NCJ C66   H66    sing N N 152 
NCJ C66   H66A   sing N N 153 
NCJ C69   C72    sing N N 154 
NCJ C69   H69    sing N N 155 
NCJ C69   H69A   sing N N 156 
NCJ C75   C72    sing N N 157 
NCJ C72   H72    sing N N 158 
NCJ C72   H72A   sing N N 159 
NCJ C75   H75    sing N N 160 
NCJ C75   H75A   sing N N 161 
# 
_ndb_struct_conf_na.entry_id   3ERU 
_ndb_struct_conf_na.feature    'quadruple helix' 
# 
loop_
_pdbx_entity_nonpoly.entity_id 
_pdbx_entity_nonpoly.name 
_pdbx_entity_nonpoly.comp_id 
2 'POTASSIUM ION'                                             K   
3 '3,6-Bis{3-[(2R)-2-methylpiperidino)]propionamido}acridine' NCJ 
4 water                                                       HOH 
# 
_pdbx_initial_refinement_model.id               1 
_pdbx_initial_refinement_model.entity_id_list   ? 
_pdbx_initial_refinement_model.type             'experimental model' 
_pdbx_initial_refinement_model.source_name      PDB 
_pdbx_initial_refinement_model.accession_code   1L1H 
_pdbx_initial_refinement_model.details          'PDB entry 1L1H' 
# 
